data_4F32
#
_entry.id   4F32
#
_cell.length_a   55.490
_cell.length_b   100.840
_cell.length_c   143.420
_cell.angle_alpha   90.00
_cell.angle_beta   90.00
_cell.angle_gamma   90.00
#
_symmetry.space_group_name_H-M   'P 21 21 21'
#
loop_
_entity.id
_entity.type
_entity.pdbx_description
1 polymer '3-oxoacyl-[acyl-carrier-protein] synthase 2'
2 polymer 'Unknown peptide'
3 non-polymer '2,4-dihydroxy-3-({3-[(2S,4aS,8S,8aR)-8-methyl-3-methylidene-7-oxo-1,3,4,7,8,8a-hexahydro-2H-2,4a-ethanonaphthalen-8-yl]propanoyl}amino)benzoic acid'
4 non-polymer 1,2-ETHANEDIOL
5 water water
#
loop_
_entity_poly.entity_id
_entity_poly.type
_entity_poly.pdbx_seq_one_letter_code
_entity_poly.pdbx_strand_id
1 'polypeptide(L)'
;MAHHHHHHMGTLEAQTQGPGSMTLRVVVTGIGIVSPLGCGKELVWQRLIGGGSGLRRLGDDIAGELSAKVGGTVQDVAED
PEGGFDPERSVPHKELRKMDRFIQMAMVAADEALAEAGWAPEAEQQRERTATVVASGIGGFPGLAEAVRIGETRGVRRLS
PFTIPFFLSNLAAGQISIKHRFRGPLGCPVTA(CSU)AASVQAIGDAMRMIRTGEADVVLAGGAEAAFDKVSLGGFAAAR
ALSTGFSEEPVRASRPFDRDRDGFVMGEGAAMVVVESLDHALARGARPIAEIIGYGTTADAYHMTAGPDDGSGAMRAMKL
ALRMGDVAPEQVDYVNAHATSTPVGDAGEIEALKTVFGVGAGPAISSTKSATGHLLGAAGAIEAAFSILALRDGVLPGTL
NLEHPDPAADGLDLIGPAARHVPVEIALSNGFGFGGVNASVLFRRYPSDRSAEAH
;
A,B
2 'polypeptide(L)' (UNK)(UNK)(UNK) C
#
loop_
_chem_comp.id
_chem_comp.type
_chem_comp.name
_chem_comp.formula
EDO non-polymer 1,2-ETHANEDIOL 'C2 H6 O2'
N32 non-polymer '2,4-dihydroxy-3-({3-[(2S,4aS,8S,8aR)-8-methyl-3-methylidene-7-oxo-1,3,4,7,8,8a-hexahydro-2H-2,4a-ethanonaphthalen-8-yl]propanoyl}amino)benzoic acid' 'C24 H27 N O6'
#
# COMPACT_ATOMS: atom_id res chain seq x y z
N LEU A 24 -17.13 -19.52 0.29
CA LEU A 24 -15.94 -20.45 0.18
C LEU A 24 -15.10 -20.44 1.48
N ARG A 25 -14.81 -21.60 2.03
CA ARG A 25 -14.04 -21.62 3.30
C ARG A 25 -12.56 -21.45 3.03
N VAL A 26 -11.88 -20.65 3.87
CA VAL A 26 -10.49 -20.25 3.68
C VAL A 26 -9.67 -20.60 4.91
N VAL A 27 -8.48 -21.15 4.70
CA VAL A 27 -7.64 -21.56 5.81
C VAL A 27 -6.21 -21.04 5.69
N VAL A 28 -5.51 -21.11 6.82
CA VAL A 28 -4.10 -20.88 6.92
C VAL A 28 -3.36 -22.20 7.06
N THR A 29 -2.35 -22.42 6.22
CA THR A 29 -1.62 -23.68 6.22
C THR A 29 -0.14 -23.53 6.59
N GLY A 30 0.31 -22.30 6.74
CA GLY A 30 1.69 -22.11 7.18
C GLY A 30 1.86 -20.76 7.82
N ILE A 31 2.82 -20.67 8.74
CA ILE A 31 3.11 -19.43 9.49
C ILE A 31 4.62 -19.26 9.61
N GLY A 32 5.11 -18.03 9.41
CA GLY A 32 6.52 -17.69 9.62
C GLY A 32 6.63 -16.42 10.46
N ILE A 33 7.60 -16.41 11.37
CA ILE A 33 7.83 -15.30 12.26
C ILE A 33 9.29 -14.94 12.42
N VAL A 34 9.59 -13.64 12.27
CA VAL A 34 10.86 -12.99 12.65
C VAL A 34 10.46 -11.89 13.67
N SER A 35 10.96 -11.95 14.90
CA SER A 35 10.46 -11.04 15.91
C SER A 35 11.46 -10.78 17.03
N PRO A 36 11.15 -9.81 17.89
CA PRO A 36 11.99 -9.60 19.06
C PRO A 36 12.09 -10.78 20.02
N LEU A 37 11.20 -11.77 19.90
CA LEU A 37 11.30 -13.04 20.66
C LEU A 37 12.01 -14.17 19.92
N GLY A 38 12.52 -13.88 18.72
CA GLY A 38 13.29 -14.84 17.94
C GLY A 38 12.67 -15.06 16.58
N CYS A 39 13.31 -15.95 15.84
CA CYS A 39 12.87 -16.36 14.51
C CYS A 39 12.44 -17.82 14.58
N GLY A 40 11.32 -18.14 13.95
CA GLY A 40 10.79 -19.51 13.97
C GLY A 40 9.61 -19.49 14.93
N LYS A 41 8.43 -19.82 14.42
CA LYS A 41 7.18 -19.58 15.15
C LYS A 41 7.08 -20.50 16.39
N GLU A 42 7.59 -21.72 16.33
CA GLU A 42 7.49 -22.61 17.50
C GLU A 42 8.33 -22.10 18.67
N LEU A 43 9.52 -21.63 18.37
CA LEU A 43 10.40 -21.11 19.39
C LEU A 43 9.83 -19.82 19.97
N VAL A 44 9.38 -18.92 19.10
CA VAL A 44 8.74 -17.66 19.50
C VAL A 44 7.53 -17.92 20.40
N TRP A 45 6.71 -18.89 20.00
CA TRP A 45 5.51 -19.23 20.76
C TRP A 45 5.86 -19.74 22.14
N GLN A 46 6.83 -20.62 22.18
CA GLN A 46 7.26 -21.18 23.47
C GLN A 46 7.79 -20.06 24.39
N ARG A 47 8.58 -19.15 23.82
CA ARG A 47 9.12 -18.04 24.60
C ARG A 47 8.04 -17.09 25.10
N LEU A 48 7.08 -16.78 24.23
CA LEU A 48 5.95 -15.92 24.56
C LEU A 48 5.14 -16.47 25.75
N ILE A 49 4.73 -17.72 25.64
CA ILE A 49 3.84 -18.34 26.65
C ILE A 49 4.59 -18.51 27.99
N GLY A 50 5.91 -18.64 27.89
CA GLY A 50 6.74 -18.74 29.08
C GLY A 50 7.00 -17.43 29.77
N GLY A 51 6.41 -16.34 29.25
CA GLY A 51 6.59 -15.01 29.87
C GLY A 51 7.78 -14.22 29.40
N GLY A 52 8.36 -14.60 28.27
CA GLY A 52 9.52 -13.89 27.80
C GLY A 52 9.18 -12.53 27.19
N SER A 53 10.19 -11.69 27.08
CA SER A 53 10.06 -10.35 26.56
C SER A 53 11.16 -10.09 25.52
N GLY A 54 10.84 -9.32 24.48
CA GLY A 54 11.84 -8.96 23.48
C GLY A 54 12.26 -7.53 23.63
N LEU A 55 11.89 -6.88 24.74
CA LEU A 55 12.22 -5.45 24.92
C LEU A 55 13.62 -5.22 25.50
N ARG A 56 14.34 -4.30 24.88
CA ARG A 56 15.74 -4.06 25.17
C ARG A 56 16.08 -2.60 25.05
N ARG A 57 17.16 -2.20 25.69
CA ARG A 57 17.63 -0.83 25.56
C ARG A 57 18.18 -0.64 24.11
N LEU A 58 17.73 0.40 23.45
CA LEU A 58 18.25 0.77 22.11
C LEU A 58 19.66 1.37 22.17
N GLY A 59 20.37 1.24 21.06
CA GLY A 59 21.69 1.82 20.94
C GLY A 59 21.60 3.33 20.93
N ASP A 60 22.65 3.99 21.42
CA ASP A 60 22.70 5.47 21.39
C ASP A 60 22.61 6.05 19.98
N ASP A 61 23.07 5.31 18.96
CA ASP A 61 22.95 5.76 17.58
C ASP A 61 21.49 5.97 17.15
N ILE A 62 20.57 5.23 17.75
CA ILE A 62 19.13 5.36 17.46
C ILE A 62 18.45 6.33 18.47
N ALA A 63 18.78 6.15 19.76
CA ALA A 63 17.94 6.69 20.85
C ALA A 63 18.63 7.74 21.72
N GLY A 64 19.91 8.01 21.45
CA GLY A 64 20.73 8.90 22.30
C GLY A 64 20.14 10.28 22.58
N GLU A 65 19.48 10.84 21.58
CA GLU A 65 18.90 12.18 21.66
C GLU A 65 17.45 12.21 22.23
N LEU A 66 16.92 11.03 22.51
CA LEU A 66 15.50 10.89 22.82
C LEU A 66 15.26 10.25 24.17
N SER A 67 14.09 10.50 24.72
CA SER A 67 13.76 9.97 26.01
C SER A 67 13.19 8.54 25.87
N ALA A 68 12.87 8.12 24.64
CA ALA A 68 12.37 6.77 24.36
C ALA A 68 13.58 5.90 24.14
N LYS A 69 13.90 5.03 25.08
CA LYS A 69 15.20 4.34 25.10
C LYS A 69 15.04 2.82 24.86
N VAL A 70 13.81 2.36 24.73
CA VAL A 70 13.50 0.93 24.73
C VAL A 70 12.86 0.55 23.40
N GLY A 71 13.19 -0.62 22.89
CA GLY A 71 12.53 -1.11 21.69
C GLY A 71 12.50 -2.63 21.65
N GLY A 72 11.59 -3.19 20.86
CA GLY A 72 11.56 -4.59 20.56
C GLY A 72 12.50 -4.86 19.40
N THR A 73 13.71 -5.34 19.67
CA THR A 73 14.67 -5.53 18.58
C THR A 73 14.82 -6.99 18.17
N VAL A 74 15.13 -7.21 16.90
CA VAL A 74 15.43 -8.52 16.36
C VAL A 74 16.94 -8.75 16.54
N GLN A 75 17.30 -9.76 17.26
CA GLN A 75 18.68 -10.09 17.52
C GLN A 75 19.33 -11.00 16.49
N ASP A 76 20.66 -10.88 16.36
CA ASP A 76 21.43 -11.75 15.50
C ASP A 76 21.80 -13.06 16.19
N VAL A 77 22.43 -13.96 15.45
CA VAL A 77 22.73 -15.30 15.96
C VAL A 77 23.79 -15.26 17.06
N ALA A 78 24.67 -14.26 17.04
CA ALA A 78 25.68 -14.08 18.11
C ALA A 78 25.01 -13.76 19.44
N GLU A 79 23.97 -12.92 19.40
CA GLU A 79 23.20 -12.54 20.57
C GLU A 79 22.16 -13.60 20.98
N ASP A 80 21.61 -14.36 20.00
CA ASP A 80 20.57 -15.35 20.29
C ASP A 80 20.86 -16.57 19.45
N PRO A 81 21.67 -17.49 20.00
CA PRO A 81 22.12 -18.60 19.15
C PRO A 81 21.01 -19.48 18.63
N GLU A 82 19.97 -19.76 19.42
CA GLU A 82 18.86 -20.60 18.99
C GLU A 82 17.87 -19.92 18.04
N GLY A 83 17.57 -18.64 18.31
CA GLY A 83 16.50 -17.96 17.59
C GLY A 83 16.90 -16.73 16.82
N GLY A 84 18.21 -16.47 16.71
CA GLY A 84 18.69 -15.28 16.03
C GLY A 84 18.33 -15.19 14.55
N PHE A 85 18.37 -13.97 14.05
CA PHE A 85 18.05 -13.63 12.67
C PHE A 85 19.30 -13.68 11.81
N ASP A 86 19.29 -14.58 10.84
CA ASP A 86 20.36 -14.61 9.83
C ASP A 86 19.75 -14.65 8.43
N PRO A 87 19.66 -13.48 7.82
CA PRO A 87 19.00 -13.41 6.51
C PRO A 87 19.77 -14.14 5.40
N GLU A 88 21.04 -14.45 5.63
CA GLU A 88 21.77 -15.23 4.63
C GLU A 88 21.23 -16.62 4.43
N ARG A 89 20.42 -17.10 5.35
CA ARG A 89 19.80 -18.37 5.13
C ARG A 89 18.72 -18.32 4.01
N SER A 90 18.22 -17.12 3.71
CA SER A 90 17.18 -16.95 2.70
CA SER A 90 17.17 -16.94 2.71
C SER A 90 17.62 -16.14 1.48
N VAL A 91 18.66 -15.32 1.65
CA VAL A 91 19.14 -14.42 0.61
C VAL A 91 20.67 -14.53 0.54
N PRO A 92 21.24 -14.83 -0.63
CA PRO A 92 22.69 -14.89 -0.72
C PRO A 92 23.34 -13.58 -0.31
N HIS A 93 24.54 -13.70 0.27
CA HIS A 93 25.26 -12.56 0.81
C HIS A 93 25.31 -11.41 -0.13
N LYS A 94 25.62 -11.67 -1.39
CA LYS A 94 25.81 -10.57 -2.34
C LYS A 94 24.52 -9.86 -2.72
N GLU A 95 23.36 -10.50 -2.48
CA GLU A 95 22.06 -9.89 -2.76
CA GLU A 95 22.08 -9.87 -2.77
C GLU A 95 21.53 -9.01 -1.61
N LEU A 96 22.10 -9.15 -0.42
CA LEU A 96 21.61 -8.37 0.75
C LEU A 96 21.72 -6.88 0.52
N ARG A 97 22.72 -6.46 -0.25
CA ARG A 97 22.95 -5.07 -0.61
C ARG A 97 21.79 -4.51 -1.39
N LYS A 98 20.93 -5.37 -1.91
CA LYS A 98 19.86 -4.90 -2.76
C LYS A 98 18.54 -4.68 -2.00
N MET A 99 18.50 -5.04 -0.71
CA MET A 99 17.25 -5.00 0.05
C MET A 99 17.43 -4.52 1.48
N ASP A 100 16.52 -3.61 1.86
CA ASP A 100 16.53 -3.05 3.22
C ASP A 100 16.15 -4.16 4.21
N ARG A 101 16.38 -3.89 5.51
CA ARG A 101 16.14 -4.85 6.58
C ARG A 101 14.75 -5.44 6.61
N PHE A 102 13.72 -4.62 6.39
CA PHE A 102 12.35 -5.13 6.41
C PHE A 102 12.14 -6.21 5.36
N ILE A 103 12.80 -6.04 4.22
CA ILE A 103 12.66 -6.99 3.12
C ILE A 103 13.37 -8.27 3.51
N GLN A 104 14.57 -8.14 4.11
CA GLN A 104 15.32 -9.30 4.57
C GLN A 104 14.50 -10.11 5.58
N MET A 105 13.82 -9.42 6.46
CA MET A 105 12.99 -10.09 7.46
C MET A 105 11.81 -10.79 6.81
N ALA A 106 11.22 -10.13 5.83
CA ALA A 106 10.10 -10.65 5.07
C ALA A 106 10.49 -11.97 4.38
N MET A 107 11.69 -11.99 3.79
CA MET A 107 12.20 -13.16 3.05
C MET A 107 12.32 -14.39 3.98
N VAL A 108 12.86 -14.18 5.19
CA VAL A 108 13.05 -15.27 6.14
C VAL A 108 11.68 -15.78 6.66
N ALA A 109 10.80 -14.87 7.03
CA ALA A 109 9.45 -15.23 7.52
C ALA A 109 8.66 -15.98 6.42
N ALA A 110 8.80 -15.50 5.21
CA ALA A 110 8.10 -16.12 4.06
C ALA A 110 8.59 -17.55 3.82
N ASP A 111 9.90 -17.72 3.84
CA ASP A 111 10.49 -19.06 3.66
C ASP A 111 9.94 -20.00 4.71
N GLU A 112 9.88 -19.57 5.97
CA GLU A 112 9.33 -20.44 7.01
C GLU A 112 7.86 -20.86 6.78
N ALA A 113 7.01 -19.88 6.46
CA ALA A 113 5.57 -20.11 6.25
C ALA A 113 5.39 -21.05 5.06
N LEU A 114 6.15 -20.81 4.00
CA LEU A 114 6.02 -21.62 2.77
C LEU A 114 6.48 -23.05 3.00
N ALA A 115 7.55 -23.22 3.76
CA ALA A 115 8.05 -24.55 4.08
C ALA A 115 7.00 -25.28 4.92
N GLU A 116 6.38 -24.62 5.90
CA GLU A 116 5.33 -25.27 6.71
C GLU A 116 4.12 -25.68 5.88
N ALA A 117 3.72 -24.82 4.96
CA ALA A 117 2.60 -25.10 4.10
C ALA A 117 2.91 -26.09 2.99
N GLY A 118 4.20 -26.30 2.75
CA GLY A 118 4.65 -27.20 1.69
C GLY A 118 4.26 -26.61 0.34
N TRP A 119 4.34 -25.27 0.21
CA TRP A 119 4.01 -24.64 -1.05
C TRP A 119 5.25 -24.15 -1.74
N ALA A 120 5.67 -24.88 -2.77
CA ALA A 120 6.89 -24.58 -3.49
C ALA A 120 6.67 -24.97 -4.95
N PRO A 121 5.69 -24.34 -5.59
CA PRO A 121 5.30 -24.76 -6.92
C PRO A 121 6.42 -24.59 -7.95
N GLU A 122 6.66 -25.67 -8.70
CA GLU A 122 7.56 -25.64 -9.83
CA GLU A 122 7.57 -25.69 -9.86
C GLU A 122 6.84 -25.37 -11.17
N ALA A 123 5.58 -25.79 -11.26
CA ALA A 123 4.82 -25.63 -12.52
C ALA A 123 4.30 -24.21 -12.68
N GLU A 124 4.27 -23.73 -13.90
CA GLU A 124 3.85 -22.33 -14.13
C GLU A 124 2.38 -22.09 -13.76
N GLN A 125 1.53 -23.10 -13.91
CA GLN A 125 0.12 -22.94 -13.58
C GLN A 125 -0.04 -22.55 -12.12
N GLN A 126 0.64 -23.28 -11.26
CA GLN A 126 0.54 -23.02 -9.84
C GLN A 126 1.21 -21.71 -9.44
N ARG A 127 2.38 -21.44 -10.03
CA ARG A 127 3.09 -20.18 -9.83
C ARG A 127 2.20 -18.98 -10.21
N GLU A 128 1.50 -19.09 -11.34
CA GLU A 128 0.65 -17.99 -11.80
C GLU A 128 -0.54 -17.75 -10.92
N ARG A 129 -0.88 -18.75 -10.13
CA ARG A 129 -2.03 -18.70 -9.22
C ARG A 129 -1.64 -18.43 -7.76
N THR A 130 -0.39 -18.08 -7.53
CA THR A 130 0.10 -17.67 -6.23
C THR A 130 0.35 -16.15 -6.17
N ALA A 131 -0.33 -15.50 -5.23
CA ALA A 131 -0.25 -14.08 -4.96
C ALA A 131 0.64 -13.84 -3.77
N THR A 132 1.17 -12.64 -3.68
CA THR A 132 2.07 -12.23 -2.62
C THR A 132 1.61 -10.85 -2.15
N VAL A 133 1.13 -10.76 -0.91
CA VAL A 133 0.51 -9.56 -0.38
C VAL A 133 1.22 -9.26 0.96
N VAL A 134 2.14 -8.31 0.94
CA VAL A 134 2.97 -8.04 2.08
C VAL A 134 2.94 -6.56 2.43
N ALA A 135 2.43 -6.31 3.63
CA ALA A 135 2.22 -4.97 4.14
C ALA A 135 3.48 -4.42 4.79
N SER A 136 3.60 -3.09 4.80
CA SER A 136 4.51 -2.42 5.70
C SER A 136 3.90 -1.09 6.11
N GLY A 137 4.24 -0.57 7.28
CA GLY A 137 3.72 0.74 7.73
C GLY A 137 4.54 1.90 7.20
N ILE A 138 5.85 1.76 7.39
CA ILE A 138 6.80 2.79 6.97
C ILE A 138 7.74 2.29 5.88
N GLY A 139 7.87 0.97 5.70
CA GLY A 139 8.74 0.44 4.67
C GLY A 139 10.24 0.66 4.96
N GLY A 140 10.99 1.03 3.94
CA GLY A 140 12.43 1.02 4.04
C GLY A 140 12.94 2.31 4.63
N PHE A 141 12.50 2.66 5.84
CA PHE A 141 12.91 3.95 6.39
C PHE A 141 14.40 4.06 6.61
N PRO A 142 15.03 3.02 7.15
CA PRO A 142 16.48 3.14 7.29
C PRO A 142 17.20 3.34 5.95
N GLY A 143 16.72 2.66 4.91
CA GLY A 143 17.37 2.81 3.61
C GLY A 143 17.19 4.21 3.04
N LEU A 144 15.98 4.71 3.18
CA LEU A 144 15.62 6.01 2.69
C LEU A 144 16.42 7.08 3.47
N ALA A 145 16.50 6.92 4.79
CA ALA A 145 17.22 7.87 5.61
C ALA A 145 18.69 7.85 5.21
N GLU A 146 19.25 6.66 4.99
CA GLU A 146 20.64 6.57 4.56
C GLU A 146 20.85 7.26 3.19
N ALA A 147 19.94 7.05 2.24
CA ALA A 147 20.05 7.73 0.94
C ALA A 147 20.05 9.27 1.11
N VAL A 148 19.15 9.77 1.94
CA VAL A 148 19.11 11.21 2.21
C VAL A 148 20.46 11.65 2.83
N ARG A 149 20.99 10.83 3.74
CA ARG A 149 22.23 11.22 4.42
C ARG A 149 23.39 11.25 3.47
N ILE A 150 23.40 10.30 2.53
CA ILE A 150 24.38 10.32 1.41
C ILE A 150 24.24 11.60 0.60
N GLY A 151 22.99 12.02 0.39
CA GLY A 151 22.70 13.24 -0.36
C GLY A 151 23.29 14.45 0.33
N GLU A 152 23.39 14.39 1.65
CA GLU A 152 23.92 15.49 2.46
C GLU A 152 25.40 15.43 2.64
N THR A 153 26.03 14.37 2.15
CA THR A 153 27.46 14.12 2.40
C THR A 153 28.18 13.82 1.08
N ARG A 154 28.20 12.55 0.68
CA ARG A 154 28.95 12.13 -0.52
C ARG A 154 28.36 12.75 -1.77
N GLY A 155 27.03 12.97 -1.76
CA GLY A 155 26.32 13.61 -2.86
C GLY A 155 25.41 12.65 -3.61
N VAL A 156 24.31 13.15 -4.16
CA VAL A 156 23.33 12.30 -4.87
C VAL A 156 23.89 11.61 -6.13
N ARG A 157 24.94 12.15 -6.75
CA ARG A 157 25.55 11.44 -7.90
C ARG A 157 26.18 10.12 -7.46
N ARG A 158 26.42 9.94 -6.16
CA ARG A 158 27.02 8.70 -5.66
C ARG A 158 26.04 7.67 -5.11
N LEU A 159 24.74 7.89 -5.28
CA LEU A 159 23.77 6.90 -4.85
C LEU A 159 23.91 5.58 -5.60
N SER A 160 23.69 4.49 -4.86
CA SER A 160 23.68 3.15 -5.42
C SER A 160 22.62 3.02 -6.50
N PRO A 161 22.92 2.26 -7.59
CA PRO A 161 21.87 1.92 -8.55
C PRO A 161 20.67 1.23 -7.92
N PHE A 162 20.85 0.63 -6.74
CA PHE A 162 19.76 -0.08 -6.08
C PHE A 162 18.90 0.75 -5.15
N THR A 163 19.22 2.03 -5.00
CA THR A 163 18.58 2.88 -4.01
C THR A 163 17.06 2.78 -3.95
N ILE A 164 16.40 2.98 -5.10
CA ILE A 164 14.92 2.94 -5.11
C ILE A 164 14.33 1.57 -4.71
N PRO A 165 14.64 0.48 -5.42
CA PRO A 165 14.02 -0.79 -5.00
C PRO A 165 14.50 -1.31 -3.62
N PHE A 166 15.64 -0.83 -3.15
CA PHE A 166 16.13 -1.13 -1.81
C PHE A 166 15.10 -0.81 -0.73
N PHE A 167 14.39 0.33 -0.88
CA PHE A 167 13.49 0.79 0.18
C PHE A 167 12.00 0.77 -0.19
N LEU A 168 11.65 0.56 -1.45
CA LEU A 168 10.24 0.62 -1.80
C LEU A 168 9.44 -0.43 -1.06
N SER A 169 8.32 -0.02 -0.47
CA SER A 169 7.52 -0.92 0.33
C SER A 169 7.14 -2.22 -0.37
N ASN A 170 6.78 -2.15 -1.65
CA ASN A 170 6.33 -3.33 -2.38
C ASN A 170 7.45 -4.29 -2.80
N LEU A 171 8.72 -3.93 -2.51
CA LEU A 171 9.81 -4.85 -2.80
C LEU A 171 9.98 -5.95 -1.74
N ALA A 172 9.24 -5.89 -0.63
CA ALA A 172 9.12 -7.06 0.26
C ALA A 172 8.39 -8.16 -0.48
N ALA A 173 7.13 -7.89 -0.87
CA ALA A 173 6.37 -8.83 -1.74
C ALA A 173 7.16 -9.13 -3.02
N GLY A 174 7.72 -8.09 -3.62
CA GLY A 174 8.50 -8.23 -4.84
C GLY A 174 9.64 -9.23 -4.77
N GLN A 175 10.46 -9.15 -3.73
CA GLN A 175 11.60 -10.05 -3.62
C GLN A 175 11.17 -11.48 -3.28
N ILE A 176 10.08 -11.61 -2.51
CA ILE A 176 9.53 -12.90 -2.21
C ILE A 176 9.04 -13.55 -3.53
N SER A 177 8.32 -12.77 -4.33
CA SER A 177 7.80 -13.28 -5.60
CA SER A 177 7.81 -13.22 -5.63
C SER A 177 8.93 -13.66 -6.56
N ILE A 178 9.97 -12.85 -6.68
CA ILE A 178 11.12 -13.17 -7.52
C ILE A 178 11.78 -14.50 -7.07
N LYS A 179 12.00 -14.66 -5.78
CA LYS A 179 12.66 -15.86 -5.30
C LYS A 179 11.83 -17.11 -5.58
N HIS A 180 10.55 -17.06 -5.29
CA HIS A 180 9.70 -18.24 -5.35
C HIS A 180 8.95 -18.41 -6.66
N ARG A 181 9.15 -17.47 -7.57
CA ARG A 181 8.42 -17.37 -8.86
C ARG A 181 6.91 -17.29 -8.72
N PHE A 182 6.42 -16.44 -7.81
CA PHE A 182 5.01 -16.26 -7.65
C PHE A 182 4.57 -15.20 -8.63
N ARG A 183 3.69 -15.59 -9.56
CA ARG A 183 3.37 -14.75 -10.70
CA ARG A 183 3.37 -14.75 -10.71
C ARG A 183 1.92 -14.27 -10.72
N GLY A 184 1.20 -14.55 -9.64
CA GLY A 184 -0.14 -14.03 -9.46
C GLY A 184 -0.09 -12.59 -8.91
N PRO A 185 -1.24 -12.07 -8.45
CA PRO A 185 -1.27 -10.70 -7.97
C PRO A 185 -0.27 -10.38 -6.86
N LEU A 186 0.26 -9.16 -6.91
CA LEU A 186 1.09 -8.67 -5.84
CA LEU A 186 1.13 -8.62 -5.87
C LEU A 186 0.35 -7.53 -5.12
N GLY A 187 0.42 -7.52 -3.81
CA GLY A 187 -0.17 -6.42 -3.05
C GLY A 187 0.76 -5.91 -2.00
N CYS A 188 0.59 -4.64 -1.63
CA CYS A 188 1.32 -4.04 -0.54
C CYS A 188 0.44 -2.95 0.10
N PRO A 189 -0.40 -3.34 1.06
CA PRO A 189 -1.20 -2.34 1.73
C PRO A 189 -0.33 -1.59 2.74
N VAL A 190 -0.34 -0.29 2.67
CA VAL A 190 0.42 0.52 3.62
C VAL A 190 -0.57 1.40 4.41
N THR A 191 -1.36 0.75 5.24
CA THR A 191 -2.36 1.42 6.06
C THR A 191 -1.91 1.38 7.53
N ALA A 192 -0.71 1.92 7.76
CA ALA A 192 -0.14 2.17 9.08
C ALA A 192 -0.24 0.91 9.89
N CSU A 193 -0.62 1.03 11.15
CA CSU A 193 -0.51 -0.12 12.06
CB CSU A 193 -0.14 0.47 13.44
SG CSU A 193 1.44 1.28 13.32
S CSU A 193 0.91 3.18 13.47
C CSU A 193 -1.64 -1.12 11.96
O CSU A 193 -1.68 -2.09 12.70
OD1 CSU A 193 1.87 3.92 12.67
OD2 CSU A 193 0.89 3.96 14.91
OD3 CSU A 193 -0.39 3.48 12.95
N ALA A 194 -2.55 -0.96 10.99
CA ALA A 194 -3.56 -1.97 10.64
C ALA A 194 -3.17 -2.80 9.38
N ALA A 195 -2.04 -2.43 8.77
CA ALA A 195 -1.72 -2.84 7.40
C ALA A 195 -1.72 -4.34 7.21
N SER A 196 -1.07 -5.10 8.10
CA SER A 196 -1.00 -6.56 7.91
C SER A 196 -2.25 -7.35 8.32
N VAL A 197 -3.16 -6.72 9.07
CA VAL A 197 -4.50 -7.29 9.23
C VAL A 197 -5.18 -7.15 7.88
N GLN A 198 -5.01 -6.00 7.23
CA GLN A 198 -5.64 -5.83 5.92
C GLN A 198 -5.04 -6.78 4.88
N ALA A 199 -3.75 -7.03 4.97
CA ALA A 199 -3.10 -8.00 4.06
C ALA A 199 -3.75 -9.39 4.11
N ILE A 200 -4.06 -9.86 5.30
CA ILE A 200 -4.77 -11.14 5.49
C ILE A 200 -6.21 -11.08 4.95
N GLY A 201 -6.95 -10.02 5.26
CA GLY A 201 -8.29 -9.82 4.69
C GLY A 201 -8.27 -9.75 3.17
N ASP A 202 -7.25 -9.08 2.62
CA ASP A 202 -7.12 -8.92 1.16
C ASP A 202 -6.79 -10.29 0.51
N ALA A 203 -6.03 -11.11 1.22
CA ALA A 203 -5.69 -12.48 0.78
C ALA A 203 -6.95 -13.32 0.68
N MET A 204 -7.71 -13.32 1.77
CA MET A 204 -8.96 -14.07 1.81
C MET A 204 -9.92 -13.60 0.69
N ARG A 205 -9.98 -12.32 0.47
CA ARG A 205 -10.87 -11.76 -0.52
C ARG A 205 -10.49 -12.28 -1.92
N MET A 206 -9.19 -12.29 -2.23
CA MET A 206 -8.74 -12.81 -3.50
C MET A 206 -8.98 -14.31 -3.71
N ILE A 207 -8.85 -15.10 -2.65
CA ILE A 207 -9.21 -16.52 -2.74
C ILE A 207 -10.69 -16.62 -3.09
N ARG A 208 -11.53 -15.85 -2.42
CA ARG A 208 -12.95 -15.93 -2.67
C ARG A 208 -13.36 -15.38 -4.01
N THR A 209 -12.70 -14.36 -4.51
CA THR A 209 -13.04 -13.86 -5.84
C THR A 209 -12.43 -14.71 -6.97
N GLY A 210 -11.53 -15.65 -6.66
CA GLY A 210 -10.96 -16.51 -7.70
C GLY A 210 -9.72 -15.92 -8.36
N GLU A 211 -9.22 -14.82 -7.81
CA GLU A 211 -8.08 -14.16 -8.40
C GLU A 211 -6.74 -14.84 -8.00
N ALA A 212 -6.76 -15.76 -7.04
CA ALA A 212 -5.56 -16.52 -6.68
C ALA A 212 -6.00 -17.80 -6.04
N ASP A 213 -5.13 -18.83 -6.07
CA ASP A 213 -5.42 -20.06 -5.31
C ASP A 213 -4.64 -20.16 -4.00
N VAL A 214 -3.48 -19.53 -3.93
CA VAL A 214 -2.68 -19.50 -2.70
C VAL A 214 -2.17 -18.07 -2.57
N VAL A 215 -2.21 -17.52 -1.36
CA VAL A 215 -1.66 -16.22 -1.10
C VAL A 215 -0.62 -16.29 0.03
N LEU A 216 0.58 -15.79 -0.22
CA LEU A 216 1.56 -15.57 0.82
C LEU A 216 1.27 -14.16 1.32
N ALA A 217 0.74 -14.06 2.51
CA ALA A 217 0.28 -12.77 3.07
C ALA A 217 0.97 -12.42 4.38
N GLY A 218 1.23 -11.15 4.63
CA GLY A 218 1.69 -10.76 5.95
C GLY A 218 2.19 -9.34 5.98
N GLY A 219 3.18 -9.10 6.84
CA GLY A 219 3.70 -7.76 7.07
C GLY A 219 5.17 -7.82 7.50
N ALA A 220 5.89 -6.74 7.23
CA ALA A 220 7.30 -6.62 7.60
C ALA A 220 7.62 -5.19 7.93
N GLU A 221 8.37 -4.99 9.03
CA GLU A 221 8.70 -3.66 9.48
C GLU A 221 10.06 -3.68 10.15
N ALA A 222 10.91 -2.75 9.77
CA ALA A 222 12.23 -2.58 10.42
C ALA A 222 12.53 -1.10 10.21
N ALA A 223 12.01 -0.27 11.12
CA ALA A 223 12.03 1.17 10.89
C ALA A 223 12.88 1.93 11.90
N PHE A 224 13.66 1.24 12.74
CA PHE A 224 14.49 1.93 13.73
C PHE A 224 15.50 2.87 13.07
N ASP A 225 15.43 4.13 13.48
CA ASP A 225 16.33 5.18 13.06
C ASP A 225 16.00 6.32 14.00
N LYS A 226 16.97 7.18 14.28
CA LYS A 226 16.71 8.35 15.16
C LYS A 226 15.56 9.21 14.67
N VAL A 227 15.33 9.25 13.36
CA VAL A 227 14.31 10.16 12.80
C VAL A 227 12.89 9.59 12.90
N SER A 228 12.73 8.30 12.65
CA SER A 228 11.44 7.66 12.81
C SER A 228 11.04 7.59 14.27
N LEU A 229 11.96 7.09 15.11
CA LEU A 229 11.76 7.14 16.54
C LEU A 229 11.51 8.57 16.99
N GLY A 230 12.29 9.51 16.46
CA GLY A 230 12.09 10.92 16.80
C GLY A 230 10.74 11.49 16.40
N GLY A 231 10.22 10.99 15.29
CA GLY A 231 8.91 11.46 14.82
C GLY A 231 7.81 11.01 15.76
N PHE A 232 7.84 9.76 16.18
CA PHE A 232 6.90 9.26 17.17
C PHE A 232 7.06 9.92 18.53
N ALA A 233 8.32 10.18 18.91
CA ALA A 233 8.65 10.95 20.12
C ALA A 233 8.03 12.33 20.12
N ALA A 234 8.09 13.01 18.98
CA ALA A 234 7.58 14.36 18.88
C ALA A 234 6.05 14.40 19.03
N ALA A 235 5.40 13.33 18.65
CA ALA A 235 3.99 13.11 18.87
C ALA A 235 3.62 12.61 20.26
N ARG A 236 4.60 12.50 21.16
CA ARG A 236 4.43 11.97 22.52
C ARG A 236 3.73 10.59 22.54
N ALA A 237 4.02 9.75 21.53
CA ALA A 237 3.36 8.46 21.39
C ALA A 237 4.16 7.31 22.00
N LEU A 238 5.40 7.58 22.42
CA LEU A 238 6.33 6.51 22.87
C LEU A 238 6.50 6.47 24.38
N SER A 239 6.65 5.27 24.94
CA SER A 239 6.92 5.12 26.38
C SER A 239 8.27 5.77 26.71
N THR A 240 8.33 6.49 27.82
CA THR A 240 9.57 7.12 28.27
C THR A 240 9.93 6.83 29.72
N GLY A 241 9.03 6.23 30.49
CA GLY A 241 9.22 6.18 31.95
C GLY A 241 9.81 4.92 32.52
N PHE A 242 10.27 4.00 31.67
CA PHE A 242 10.70 2.68 32.09
C PHE A 242 12.05 2.31 31.45
N SER A 243 12.83 3.32 31.10
CA SER A 243 14.12 3.12 30.44
C SER A 243 15.12 2.26 31.20
N GLU A 244 15.05 2.30 32.54
CA GLU A 244 15.92 1.45 33.38
C GLU A 244 15.40 0.03 33.59
N GLU A 245 14.18 -0.24 33.14
CA GLU A 245 13.57 -1.56 33.30
C GLU A 245 12.81 -1.83 32.03
N PRO A 246 13.55 -2.06 30.94
CA PRO A 246 12.93 -2.10 29.59
C PRO A 246 11.77 -3.08 29.46
N VAL A 247 11.80 -4.21 30.16
CA VAL A 247 10.72 -5.25 30.00
C VAL A 247 9.38 -4.70 30.50
N ARG A 248 9.44 -3.72 31.39
CA ARG A 248 8.23 -3.12 31.98
C ARG A 248 7.56 -2.04 31.09
N ALA A 249 8.23 -1.64 30.01
CA ALA A 249 7.87 -0.41 29.31
C ALA A 249 6.55 -0.56 28.53
N SER A 250 6.25 -1.76 28.04
CA SER A 250 5.02 -1.97 27.27
C SER A 250 4.01 -2.67 28.17
N ARG A 251 2.95 -1.93 28.48
CA ARG A 251 1.98 -2.35 29.47
C ARG A 251 0.55 -2.00 29.07
N PRO A 252 0.11 -2.60 27.96
CA PRO A 252 -1.24 -2.43 27.44
C PRO A 252 -2.29 -2.62 28.57
N PHE A 253 -3.27 -1.73 28.59
CA PHE A 253 -4.41 -1.71 29.57
C PHE A 253 -4.04 -1.31 31.01
N ASP A 254 -2.76 -1.14 31.30
CA ASP A 254 -2.29 -0.89 32.67
C ASP A 254 -2.42 0.59 33.00
N ARG A 255 -2.74 0.86 34.25
CA ARG A 255 -2.85 2.24 34.77
C ARG A 255 -1.63 3.14 34.47
N ASP A 256 -0.43 2.57 34.48
CA ASP A 256 0.80 3.38 34.35
C ASP A 256 1.40 3.35 32.95
N ARG A 257 0.63 2.91 31.97
CA ARG A 257 1.08 2.97 30.57
C ARG A 257 1.38 4.43 30.16
N ASP A 258 2.37 4.60 29.30
CA ASP A 258 2.79 5.96 28.93
C ASP A 258 3.25 6.07 27.48
N GLY A 259 2.76 5.18 26.63
CA GLY A 259 3.06 5.21 25.20
C GLY A 259 3.58 3.87 24.73
N PHE A 260 3.65 3.72 23.41
CA PHE A 260 4.07 2.43 22.87
C PHE A 260 5.58 2.22 22.84
N VAL A 261 5.99 0.98 22.61
CA VAL A 261 7.39 0.63 22.47
C VAL A 261 7.57 0.12 21.04
N MET A 262 8.35 0.82 20.23
CA MET A 262 8.53 0.41 18.86
C MET A 262 9.22 -0.96 18.82
N GLY A 263 8.78 -1.80 17.88
CA GLY A 263 9.41 -3.09 17.58
C GLY A 263 9.69 -3.24 16.08
N GLU A 264 10.34 -4.32 15.70
CA GLU A 264 10.61 -4.65 14.29
C GLU A 264 10.39 -6.15 14.14
N GLY A 265 10.09 -6.62 12.92
CA GLY A 265 10.03 -8.01 12.63
C GLY A 265 9.19 -8.22 11.38
N ALA A 266 8.80 -9.47 11.15
CA ALA A 266 7.96 -9.84 10.04
C ALA A 266 7.22 -11.13 10.35
N ALA A 267 6.01 -11.24 9.83
CA ALA A 267 5.26 -12.45 9.97
C ALA A 267 4.41 -12.65 8.74
N MET A 268 4.27 -13.92 8.37
CA MET A 268 3.65 -14.35 7.13
C MET A 268 2.74 -15.55 7.40
N VAL A 269 1.66 -15.60 6.63
CA VAL A 269 0.76 -16.75 6.60
C VAL A 269 0.54 -17.16 5.14
N VAL A 270 0.37 -18.44 4.93
CA VAL A 270 -0.05 -18.99 3.66
C VAL A 270 -1.56 -19.24 3.73
N VAL A 271 -2.28 -18.59 2.81
CA VAL A 271 -3.71 -18.60 2.81
C VAL A 271 -4.21 -19.31 1.54
N GLU A 272 -5.14 -20.23 1.69
CA GLU A 272 -5.75 -20.93 0.55
C GLU A 272 -7.14 -21.44 0.94
N SER A 273 -7.94 -21.87 -0.05
CA SER A 273 -9.23 -22.44 0.26
C SER A 273 -9.05 -23.76 1.00
N LEU A 274 -10.01 -24.07 1.86
CA LEU A 274 -10.03 -25.39 2.48
C LEU A 274 -9.98 -26.49 1.42
N ASP A 275 -10.75 -26.38 0.35
CA ASP A 275 -10.77 -27.46 -0.63
C ASP A 275 -9.40 -27.65 -1.29
N HIS A 276 -8.72 -26.53 -1.57
CA HIS A 276 -7.40 -26.52 -2.15
C HIS A 276 -6.40 -27.16 -1.21
N ALA A 277 -6.53 -26.85 0.08
CA ALA A 277 -5.62 -27.41 1.08
C ALA A 277 -5.76 -28.92 1.16
N LEU A 278 -7.00 -29.38 1.29
CA LEU A 278 -7.24 -30.79 1.50
C LEU A 278 -6.87 -31.61 0.24
N ALA A 279 -7.15 -31.05 -0.93
CA ALA A 279 -6.79 -31.72 -2.22
C ALA A 279 -5.31 -32.00 -2.29
N ARG A 280 -4.49 -31.09 -1.78
CA ARG A 280 -3.04 -31.27 -1.89
C ARG A 280 -2.41 -31.87 -0.63
N GLY A 281 -3.23 -32.22 0.35
CA GLY A 281 -2.71 -32.85 1.58
C GLY A 281 -2.13 -31.89 2.60
N ALA A 282 -2.41 -30.60 2.47
CA ALA A 282 -1.88 -29.60 3.41
C ALA A 282 -2.78 -29.60 4.64
N ARG A 283 -2.23 -29.55 5.86
CA ARG A 283 -3.02 -29.50 7.10
C ARG A 283 -3.42 -28.08 7.40
N PRO A 284 -4.72 -27.75 7.40
CA PRO A 284 -5.10 -26.44 7.91
C PRO A 284 -4.72 -26.21 9.36
N ILE A 285 -4.10 -25.08 9.66
CA ILE A 285 -3.76 -24.77 11.04
C ILE A 285 -4.94 -24.09 11.75
N ALA A 286 -5.64 -23.22 11.05
CA ALA A 286 -6.88 -22.62 11.50
C ALA A 286 -7.61 -22.13 10.28
N GLU A 287 -8.89 -21.78 10.48
CA GLU A 287 -9.77 -21.28 9.44
C GLU A 287 -9.98 -19.79 9.63
N ILE A 288 -9.97 -19.03 8.52
CA ILE A 288 -10.27 -17.62 8.59
C ILE A 288 -11.75 -17.50 8.28
N ILE A 289 -12.55 -17.02 9.23
CA ILE A 289 -13.99 -16.99 9.03
C ILE A 289 -14.58 -15.57 8.91
N GLY A 290 -13.81 -14.54 9.27
CA GLY A 290 -14.33 -13.17 9.25
C GLY A 290 -13.26 -12.12 9.06
N TYR A 291 -13.64 -11.03 8.37
CA TYR A 291 -12.79 -9.87 8.24
C TYR A 291 -13.64 -8.62 8.11
N GLY A 292 -13.20 -7.55 8.76
CA GLY A 292 -13.91 -6.29 8.69
C GLY A 292 -12.90 -5.17 8.74
N THR A 293 -13.11 -4.12 7.95
CA THR A 293 -12.26 -2.94 8.03
C THR A 293 -13.09 -1.66 7.84
N THR A 294 -12.74 -0.62 8.59
CA THR A 294 -13.51 0.61 8.65
C THR A 294 -12.55 1.79 8.82
N ALA A 295 -13.09 3.01 8.74
CA ALA A 295 -12.37 4.24 8.97
C ALA A 295 -13.10 5.04 9.99
N ASP A 296 -12.36 5.62 10.94
CA ASP A 296 -12.99 6.47 11.99
C ASP A 296 -13.55 7.77 11.36
N ALA A 297 -12.81 8.30 10.37
CA ALA A 297 -13.03 9.66 9.88
C ALA A 297 -13.19 10.62 11.04
N TYR A 298 -12.19 10.62 11.93
CA TYR A 298 -12.26 11.38 13.18
C TYR A 298 -11.02 12.30 13.35
N HIS A 299 -9.85 11.72 13.57
CA HIS A 299 -8.61 12.48 13.74
C HIS A 299 -7.49 11.73 13.09
N MET A 300 -6.46 12.45 12.74
CA MET A 300 -5.33 11.84 12.02
CA MET A 300 -5.33 11.84 12.02
C MET A 300 -4.46 10.90 12.88
N THR A 301 -4.39 11.13 14.19
CA THR A 301 -3.53 10.29 15.04
C THR A 301 -4.14 9.74 16.32
N ALA A 302 -5.46 9.83 16.45
CA ALA A 302 -6.13 9.29 17.60
C ALA A 302 -7.50 8.81 17.12
N GLY A 303 -7.98 7.71 17.67
CA GLY A 303 -9.36 7.29 17.45
C GLY A 303 -10.33 7.93 18.43
N PRO A 304 -11.63 7.89 18.14
CA PRO A 304 -12.61 8.49 19.02
C PRO A 304 -12.65 7.76 20.35
N ASP A 305 -13.00 8.46 21.42
CA ASP A 305 -12.98 7.88 22.76
C ASP A 305 -13.99 6.75 22.94
N ASP A 306 -15.09 6.83 22.21
CA ASP A 306 -16.10 5.78 22.26
C ASP A 306 -15.72 4.50 21.50
N GLY A 307 -14.59 4.49 20.80
CA GLY A 307 -14.15 3.28 20.09
C GLY A 307 -15.03 2.87 18.90
N SER A 308 -15.82 3.79 18.34
CA SER A 308 -16.90 3.38 17.40
C SER A 308 -16.41 2.79 16.10
N GLY A 309 -15.29 3.29 15.59
CA GLY A 309 -14.73 2.74 14.34
C GLY A 309 -14.24 1.30 14.52
N ALA A 310 -13.49 1.07 15.59
CA ALA A 310 -13.01 -0.26 15.96
C ALA A 310 -14.17 -1.19 16.25
N MET A 311 -15.20 -0.68 16.95
CA MET A 311 -16.39 -1.46 17.23
C MET A 311 -17.03 -1.98 15.93
N ARG A 312 -17.18 -1.09 14.96
CA ARG A 312 -17.80 -1.44 13.68
C ARG A 312 -17.00 -2.48 12.91
N ALA A 313 -15.67 -2.36 12.93
CA ALA A 313 -14.79 -3.32 12.31
C ALA A 313 -14.95 -4.72 12.92
N MET A 314 -14.91 -4.80 14.25
CA MET A 314 -15.17 -6.06 14.92
C MET A 314 -16.54 -6.64 14.55
N LYS A 315 -17.58 -5.82 14.58
CA LYS A 315 -18.92 -6.34 14.27
C LYS A 315 -19.01 -6.86 12.80
N LEU A 316 -18.31 -6.21 11.87
CA LEU A 316 -18.30 -6.71 10.47
C LEU A 316 -17.63 -8.10 10.37
N ALA A 317 -16.53 -8.29 11.09
CA ALA A 317 -15.86 -9.59 11.08
C ALA A 317 -16.76 -10.66 11.70
N LEU A 318 -17.43 -10.32 12.81
CA LEU A 318 -18.35 -11.27 13.44
C LEU A 318 -19.54 -11.59 12.50
N ARG A 319 -20.09 -10.58 11.84
CA ARG A 319 -21.20 -10.78 10.88
C ARG A 319 -20.78 -11.72 9.77
N MET A 320 -19.61 -11.47 9.20
CA MET A 320 -19.08 -12.34 8.17
C MET A 320 -18.92 -13.78 8.66
N GLY A 321 -18.49 -13.99 9.89
CA GLY A 321 -18.32 -15.33 10.38
C GLY A 321 -19.61 -15.94 10.88
N ASP A 322 -20.70 -15.15 10.93
CA ASP A 322 -21.97 -15.55 11.58
C ASP A 322 -21.75 -16.02 13.03
N VAL A 323 -20.96 -15.24 13.75
CA VAL A 323 -20.59 -15.55 15.13
C VAL A 323 -21.23 -14.49 15.99
N ALA A 324 -21.93 -14.91 17.04
CA ALA A 324 -22.41 -13.95 18.05
C ALA A 324 -21.23 -13.54 18.96
N PRO A 325 -21.25 -12.33 19.51
CA PRO A 325 -20.16 -11.90 20.42
C PRO A 325 -19.87 -12.87 21.57
N GLU A 326 -20.93 -13.47 22.09
CA GLU A 326 -20.78 -14.43 23.19
C GLU A 326 -20.07 -15.72 22.75
N GLN A 327 -19.93 -15.96 21.44
CA GLN A 327 -19.16 -17.14 20.96
C GLN A 327 -17.66 -16.88 20.78
N VAL A 328 -17.21 -15.64 20.92
CA VAL A 328 -15.76 -15.34 20.83
C VAL A 328 -15.05 -15.77 22.13
N ASP A 329 -14.05 -16.64 22.00
CA ASP A 329 -13.27 -17.11 23.14
C ASP A 329 -12.13 -16.21 23.54
N TYR A 330 -11.48 -15.63 22.55
CA TYR A 330 -10.20 -14.94 22.76
C TYR A 330 -10.15 -13.72 21.82
N VAL A 331 -9.71 -12.59 22.35
CA VAL A 331 -9.39 -11.40 21.55
C VAL A 331 -7.91 -11.01 21.77
N ASN A 332 -7.14 -10.97 20.69
CA ASN A 332 -5.85 -10.34 20.71
C ASN A 332 -6.02 -8.90 20.30
N ALA A 333 -5.93 -8.03 21.30
CA ALA A 333 -6.32 -6.63 21.14
C ALA A 333 -5.19 -5.94 20.43
N HIS A 334 -5.50 -4.83 19.80
CA HIS A 334 -4.45 -4.02 19.24
C HIS A 334 -3.59 -3.36 20.32
N ALA A 335 -4.23 -3.05 21.44
CA ALA A 335 -3.69 -2.25 22.55
C ALA A 335 -2.17 -2.11 22.64
N THR A 336 -1.69 -0.90 22.30
CA THR A 336 -0.30 -0.63 22.07
C THR A 336 0.38 -0.06 23.34
N SER A 337 -0.39 0.17 24.40
CA SER A 337 0.12 0.82 25.64
C SER A 337 0.16 2.35 25.58
N THR A 338 -0.67 2.94 24.72
CA THR A 338 -0.92 4.37 24.79
C THR A 338 -2.12 4.68 25.72
N PRO A 339 -2.13 5.85 26.35
CA PRO A 339 -3.27 6.19 27.22
C PRO A 339 -4.60 6.23 26.45
N VAL A 340 -4.64 7.02 25.38
CA VAL A 340 -5.87 7.26 24.63
C VAL A 340 -6.23 6.04 23.78
N GLY A 341 -5.24 5.39 23.17
CA GLY A 341 -5.51 4.25 22.27
C GLY A 341 -6.10 3.07 23.00
N ASP A 342 -5.52 2.72 24.14
CA ASP A 342 -6.01 1.56 24.86
C ASP A 342 -7.41 1.87 25.41
N ALA A 343 -7.66 3.11 25.87
CA ALA A 343 -8.98 3.47 26.38
C ALA A 343 -10.09 3.31 25.31
N GLY A 344 -9.80 3.76 24.09
CA GLY A 344 -10.72 3.66 22.97
C GLY A 344 -11.06 2.20 22.68
N GLU A 345 -10.06 1.33 22.67
CA GLU A 345 -10.28 -0.08 22.40
C GLU A 345 -11.09 -0.75 23.53
N ILE A 346 -10.82 -0.35 24.77
CA ILE A 346 -11.62 -0.79 25.91
C ILE A 346 -13.11 -0.48 25.67
N GLU A 347 -13.39 0.75 25.25
CA GLU A 347 -14.77 1.15 24.99
C GLU A 347 -15.40 0.35 23.81
N ALA A 348 -14.63 0.14 22.74
CA ALA A 348 -15.09 -0.67 21.63
C ALA A 348 -15.42 -2.08 22.08
N LEU A 349 -14.55 -2.66 22.90
CA LEU A 349 -14.74 -4.04 23.36
C LEU A 349 -15.97 -4.18 24.24
N LYS A 350 -16.17 -3.19 25.12
CA LYS A 350 -17.39 -3.16 25.93
C LYS A 350 -18.66 -3.04 25.08
N THR A 351 -18.61 -2.24 24.03
CA THR A 351 -19.77 -2.14 23.17
C THR A 351 -20.07 -3.45 22.45
N VAL A 352 -19.05 -4.13 21.93
CA VAL A 352 -19.27 -5.38 21.21
C VAL A 352 -19.69 -6.52 22.13
N PHE A 353 -18.98 -6.66 23.25
CA PHE A 353 -19.07 -7.88 24.07
C PHE A 353 -19.82 -7.73 25.41
N GLY A 354 -20.04 -6.49 25.83
CA GLY A 354 -20.61 -6.23 27.13
C GLY A 354 -19.59 -6.41 28.22
N VAL A 355 -20.09 -6.44 29.45
CA VAL A 355 -19.26 -6.63 30.64
C VAL A 355 -19.80 -7.80 31.43
N GLY A 356 -18.96 -8.38 32.27
CA GLY A 356 -19.39 -9.50 33.10
C GLY A 356 -19.10 -10.89 32.59
N ALA A 357 -18.99 -11.07 31.27
CA ALA A 357 -18.74 -12.39 30.71
C ALA A 357 -17.74 -12.21 29.55
N GLY A 358 -18.18 -12.45 28.31
CA GLY A 358 -17.34 -12.07 27.15
C GLY A 358 -16.04 -12.85 26.99
N PRO A 359 -15.21 -12.44 26.05
CA PRO A 359 -13.99 -13.15 25.70
C PRO A 359 -12.85 -12.82 26.67
N ALA A 360 -11.85 -13.70 26.72
CA ALA A 360 -10.59 -13.40 27.37
C ALA A 360 -9.80 -12.52 26.38
N ILE A 361 -9.18 -11.46 26.88
CA ILE A 361 -8.56 -10.42 26.05
C ILE A 361 -7.13 -10.17 26.51
N SER A 362 -6.18 -10.21 25.58
CA SER A 362 -4.79 -9.87 25.94
C SER A 362 -4.14 -9.09 24.83
N SER A 363 -3.04 -8.40 25.13
CA SER A 363 -2.22 -7.80 24.11
C SER A 363 -0.81 -8.31 24.19
N THR A 364 -0.37 -8.96 23.12
CA THR A 364 0.99 -9.51 23.05
C THR A 364 2.06 -8.46 22.74
N LYS A 365 1.62 -7.23 22.42
CA LYS A 365 2.58 -6.09 22.35
C LYS A 365 3.29 -5.85 23.66
N SER A 366 2.71 -6.33 24.75
CA SER A 366 3.36 -6.30 26.06
C SER A 366 4.71 -7.00 26.04
N ALA A 367 4.85 -8.04 25.20
CA ALA A 367 6.09 -8.85 25.12
C ALA A 367 6.95 -8.53 23.87
N THR A 368 6.33 -8.21 22.74
CA THR A 368 7.05 -8.00 21.49
C THR A 368 7.33 -6.54 21.18
N GLY A 369 6.62 -5.65 21.82
CA GLY A 369 6.52 -4.29 21.35
C GLY A 369 5.64 -4.21 20.10
N HIS A 370 5.58 -3.01 19.55
CA HIS A 370 4.68 -2.66 18.46
C HIS A 370 5.41 -2.80 17.13
N LEU A 371 5.10 -3.87 16.38
CA LEU A 371 5.74 -4.14 15.08
C LEU A 371 5.12 -3.38 13.93
N LEU A 372 4.25 -2.44 14.24
CA LEU A 372 3.77 -1.43 13.31
C LEU A 372 3.02 -2.10 12.17
N GLY A 373 3.49 -1.99 10.94
CA GLY A 373 2.82 -2.67 9.84
C GLY A 373 2.91 -4.19 9.87
N ALA A 374 3.80 -4.74 10.69
CA ALA A 374 3.90 -6.19 10.91
C ALA A 374 3.13 -6.69 12.14
N ALA A 375 2.57 -5.77 12.93
CA ALA A 375 1.84 -6.14 14.13
C ALA A 375 0.65 -7.02 13.80
N GLY A 376 -0.13 -6.68 12.79
CA GLY A 376 -1.31 -7.47 12.44
C GLY A 376 -0.99 -8.94 12.13
N ALA A 377 0.07 -9.19 11.38
CA ALA A 377 0.40 -10.54 10.99
C ALA A 377 0.95 -11.33 12.16
N ILE A 378 1.79 -10.72 13.02
CA ILE A 378 2.34 -11.51 14.13
C ILE A 378 1.23 -11.83 15.16
N GLU A 379 0.31 -10.90 15.38
CA GLU A 379 -0.78 -11.13 16.28
C GLU A 379 -1.83 -12.09 15.74
N ALA A 380 -2.01 -12.08 14.42
CA ALA A 380 -2.81 -13.13 13.77
C ALA A 380 -2.20 -14.50 13.98
N ALA A 381 -0.88 -14.59 13.84
CA ALA A 381 -0.17 -15.82 14.07
C ALA A 381 -0.33 -16.30 15.50
N PHE A 382 -0.22 -15.38 16.46
CA PHE A 382 -0.42 -15.78 17.85
C PHE A 382 -1.87 -16.23 18.09
N SER A 383 -2.83 -15.56 17.44
CA SER A 383 -4.24 -15.90 17.59
C SER A 383 -4.50 -17.31 17.08
N ILE A 384 -3.89 -17.61 15.94
CA ILE A 384 -3.99 -18.94 15.36
C ILE A 384 -3.35 -20.01 16.24
N LEU A 385 -2.15 -19.75 16.75
CA LEU A 385 -1.49 -20.70 17.67
C LEU A 385 -2.27 -20.89 19.00
N ALA A 386 -2.93 -19.83 19.45
CA ALA A 386 -3.76 -19.88 20.64
C ALA A 386 -4.88 -20.94 20.45
N LEU A 387 -5.50 -20.92 19.28
CA LEU A 387 -6.52 -21.87 18.89
C LEU A 387 -5.95 -23.25 18.76
N ARG A 388 -4.81 -23.36 18.06
CA ARG A 388 -4.20 -24.68 17.84
C ARG A 388 -3.90 -25.37 19.16
N ASP A 389 -3.33 -24.63 20.10
CA ASP A 389 -2.78 -25.21 21.32
C ASP A 389 -3.66 -25.06 22.55
N GLY A 390 -4.75 -24.29 22.46
CA GLY A 390 -5.58 -24.03 23.63
C GLY A 390 -4.76 -23.31 24.70
N VAL A 391 -3.95 -22.35 24.27
CA VAL A 391 -3.20 -21.51 25.20
C VAL A 391 -3.34 -20.05 24.76
N LEU A 392 -3.89 -19.23 25.66
CA LEU A 392 -4.09 -17.80 25.38
C LEU A 392 -2.97 -16.99 25.98
N PRO A 393 -2.21 -16.23 25.17
CA PRO A 393 -1.16 -15.41 25.74
C PRO A 393 -1.68 -14.40 26.76
N GLY A 394 -0.91 -14.21 27.81
CA GLY A 394 -1.18 -13.20 28.80
C GLY A 394 -0.70 -11.82 28.40
N THR A 395 -1.04 -10.82 29.21
CA THR A 395 -0.55 -9.48 28.98
C THR A 395 0.52 -9.19 30.03
N LEU A 396 1.78 -9.10 29.62
CA LEU A 396 2.82 -8.83 30.61
C LEU A 396 2.61 -7.43 31.19
N ASN A 397 3.10 -7.24 32.40
CA ASN A 397 3.06 -5.94 33.06
C ASN A 397 1.68 -5.44 33.46
N LEU A 398 0.64 -6.28 33.36
CA LEU A 398 -0.71 -5.80 33.66
C LEU A 398 -0.93 -5.97 35.17
N GLU A 399 -0.56 -4.93 35.91
CA GLU A 399 -0.51 -4.94 37.37
C GLU A 399 -1.67 -4.19 38.01
N HIS A 400 -2.13 -3.09 37.38
CA HIS A 400 -3.30 -2.32 37.84
C HIS A 400 -4.09 -1.99 36.60
N PRO A 401 -5.00 -2.90 36.19
CA PRO A 401 -5.88 -2.69 35.04
C PRO A 401 -6.63 -1.38 35.12
N ASP A 402 -6.69 -0.69 33.99
CA ASP A 402 -7.50 0.50 33.91
C ASP A 402 -8.94 0.25 34.40
N PRO A 403 -9.43 1.04 35.35
CA PRO A 403 -10.80 0.81 35.86
C PRO A 403 -11.86 0.88 34.76
N ALA A 404 -11.64 1.65 33.72
CA ALA A 404 -12.53 1.63 32.53
C ALA A 404 -12.75 0.21 31.97
N ALA A 405 -11.81 -0.71 32.18
CA ALA A 405 -11.90 -2.09 31.69
C ALA A 405 -12.56 -3.04 32.70
N ASP A 406 -13.07 -2.53 33.83
CA ASP A 406 -13.75 -3.39 34.78
C ASP A 406 -14.91 -4.08 34.05
N GLY A 407 -15.04 -5.37 34.24
CA GLY A 407 -16.08 -6.14 33.54
C GLY A 407 -15.54 -6.86 32.32
N LEU A 408 -14.38 -6.44 31.79
CA LEU A 408 -13.71 -7.16 30.71
C LEU A 408 -12.72 -8.17 31.33
N ASP A 409 -12.65 -9.35 30.74
CA ASP A 409 -11.78 -10.43 31.21
C ASP A 409 -10.39 -10.26 30.58
N LEU A 410 -9.65 -9.30 31.11
CA LEU A 410 -8.28 -9.07 30.68
C LEU A 410 -7.40 -10.14 31.29
N ILE A 411 -6.59 -10.76 30.45
CA ILE A 411 -5.68 -11.79 30.90
C ILE A 411 -4.44 -11.09 31.45
N GLY A 412 -4.06 -11.41 32.68
CA GLY A 412 -2.84 -10.89 33.28
C GLY A 412 -1.61 -11.59 32.72
N PRO A 413 -0.47 -11.53 33.45
CA PRO A 413 0.77 -12.00 32.85
C PRO A 413 0.85 -13.49 32.57
N ALA A 414 0.07 -14.29 33.31
CA ALA A 414 0.07 -15.70 33.05
C ALA A 414 -0.77 -16.06 31.85
N ALA A 415 -0.18 -16.82 30.94
CA ALA A 415 -0.95 -17.38 29.82
C ALA A 415 -2.04 -18.29 30.38
N ARG A 416 -3.15 -18.36 29.68
CA ARG A 416 -4.29 -19.13 30.14
C ARG A 416 -4.46 -20.39 29.31
N HIS A 417 -4.41 -21.55 29.96
CA HIS A 417 -4.52 -22.82 29.27
C HIS A 417 -5.97 -23.24 29.27
N VAL A 418 -6.62 -23.13 28.12
CA VAL A 418 -8.05 -23.40 28.01
C VAL A 418 -8.37 -23.70 26.55
N PRO A 419 -9.14 -24.78 26.30
CA PRO A 419 -9.54 -25.07 24.94
C PRO A 419 -10.42 -23.93 24.41
N VAL A 420 -10.16 -23.49 23.19
CA VAL A 420 -10.92 -22.39 22.58
C VAL A 420 -11.20 -22.70 21.11
N GLU A 421 -12.25 -22.11 20.58
CA GLU A 421 -12.70 -22.33 19.22
C GLU A 421 -12.62 -21.11 18.31
N ILE A 422 -12.81 -19.91 18.84
CA ILE A 422 -12.93 -18.69 18.01
C ILE A 422 -12.07 -17.58 18.60
N ALA A 423 -11.21 -16.97 17.77
CA ALA A 423 -10.32 -15.90 18.18
C ALA A 423 -10.45 -14.73 17.20
N LEU A 424 -10.48 -13.51 17.77
CA LEU A 424 -10.55 -12.27 17.01
C LEU A 424 -9.22 -11.50 17.25
N SER A 425 -8.67 -10.93 16.20
CA SER A 425 -7.44 -10.09 16.30
C SER A 425 -7.65 -8.71 15.66
N ASN A 426 -7.30 -7.64 16.37
CA ASN A 426 -7.55 -6.29 15.92
C ASN A 426 -6.27 -5.57 15.56
N GLY A 427 -6.36 -4.65 14.61
CA GLY A 427 -5.23 -3.77 14.30
C GLY A 427 -5.78 -2.40 13.86
N PHE A 428 -5.26 -1.33 14.43
CA PHE A 428 -5.66 0.04 14.13
C PHE A 428 -4.43 0.85 13.70
N GLY A 429 -4.67 1.94 12.99
CA GLY A 429 -3.56 2.78 12.57
C GLY A 429 -3.94 4.24 12.49
N PHE A 430 -2.91 5.09 12.48
CA PHE A 430 -3.05 6.50 12.10
C PHE A 430 -3.85 6.64 10.82
N GLY A 431 -4.55 7.75 10.71
CA GLY A 431 -5.45 7.93 9.55
C GLY A 431 -6.81 7.28 9.74
N GLY A 432 -7.08 6.85 10.98
CA GLY A 432 -8.38 6.29 11.36
C GLY A 432 -8.67 4.88 10.89
N VAL A 433 -7.66 4.10 10.53
CA VAL A 433 -7.88 2.74 9.95
CA VAL A 433 -7.95 2.77 9.96
C VAL A 433 -8.14 1.71 11.07
N ASN A 434 -9.21 0.92 10.96
CA ASN A 434 -9.47 -0.20 11.85
C ASN A 434 -9.64 -1.47 11.04
N ALA A 435 -9.07 -2.57 11.50
CA ALA A 435 -9.25 -3.84 10.84
C ALA A 435 -9.33 -4.92 11.89
N SER A 436 -10.17 -5.92 11.68
CA SER A 436 -10.33 -7.06 12.60
C SER A 436 -10.44 -8.35 11.76
N VAL A 437 -9.82 -9.43 12.23
CA VAL A 437 -9.87 -10.70 11.54
C VAL A 437 -10.24 -11.76 12.55
N LEU A 438 -11.10 -12.69 12.11
CA LEU A 438 -11.70 -13.70 12.99
C LEU A 438 -11.32 -15.09 12.49
N PHE A 439 -10.86 -15.94 13.42
CA PHE A 439 -10.39 -17.30 13.13
C PHE A 439 -11.20 -18.32 13.90
N ARG A 440 -11.37 -19.49 13.31
CA ARG A 440 -11.93 -20.65 13.98
C ARG A 440 -10.93 -21.79 14.02
N ARG A 441 -10.88 -22.49 15.14
CA ARG A 441 -10.02 -23.64 15.26
C ARG A 441 -10.36 -24.66 14.16
N TYR A 442 -9.35 -25.34 13.63
CA TYR A 442 -9.59 -26.44 12.70
C TYR A 442 -9.15 -27.75 13.38
N PRO A 443 -9.96 -28.80 13.30
CA PRO A 443 -11.22 -28.96 12.59
C PRO A 443 -12.38 -28.32 13.33
N SER B 21 -22.62 -7.80 -4.64
CA SER B 21 -22.77 -8.96 -5.59
C SER B 21 -21.75 -8.95 -6.77
N MET B 22 -21.23 -10.14 -7.06
CA MET B 22 -20.15 -10.30 -8.02
C MET B 22 -20.56 -9.99 -9.46
N THR B 23 -21.86 -9.90 -9.73
CA THR B 23 -22.29 -9.65 -11.09
C THR B 23 -22.64 -8.18 -11.29
N LEU B 24 -22.41 -7.33 -10.28
CA LEU B 24 -22.81 -5.93 -10.37
C LEU B 24 -22.01 -5.27 -11.48
N ARG B 25 -22.67 -4.48 -12.32
CA ARG B 25 -21.97 -3.59 -13.24
C ARG B 25 -21.48 -2.41 -12.42
N VAL B 26 -20.26 -1.97 -12.73
CA VAL B 26 -19.57 -0.95 -11.94
C VAL B 26 -19.27 0.24 -12.86
N VAL B 27 -19.50 1.45 -12.37
CA VAL B 27 -19.34 2.67 -13.16
C VAL B 27 -18.54 3.71 -12.41
N VAL B 28 -18.05 4.69 -13.18
CA VAL B 28 -17.40 5.84 -12.68
C VAL B 28 -18.33 7.03 -12.83
N THR B 29 -18.56 7.75 -11.72
CA THR B 29 -19.51 8.87 -11.71
C THR B 29 -18.88 10.24 -11.45
N GLY B 30 -17.60 10.27 -11.17
CA GLY B 30 -16.89 11.53 -11.09
C GLY B 30 -15.39 11.31 -11.21
N ILE B 31 -14.72 12.37 -11.66
CA ILE B 31 -13.30 12.36 -11.93
C ILE B 31 -12.70 13.67 -11.43
N GLY B 32 -11.53 13.59 -10.83
CA GLY B 32 -10.77 14.77 -10.40
C GLY B 32 -9.32 14.66 -10.80
N ILE B 33 -8.71 15.76 -11.25
CA ILE B 33 -7.31 15.75 -11.67
C ILE B 33 -6.54 16.97 -11.20
N VAL B 34 -5.34 16.71 -10.64
CA VAL B 34 -4.32 17.71 -10.38
C VAL B 34 -3.10 17.24 -11.16
N SER B 35 -2.56 18.05 -12.05
CA SER B 35 -1.53 17.52 -12.93
C SER B 35 -0.59 18.59 -13.46
N PRO B 36 0.43 18.15 -14.19
CA PRO B 36 1.30 19.11 -14.86
C PRO B 36 0.65 19.87 -16.01
N LEU B 37 -0.52 19.44 -16.46
CA LEU B 37 -1.31 20.22 -17.39
C LEU B 37 -2.40 21.08 -16.73
N GLY B 38 -2.43 21.14 -15.40
CA GLY B 38 -3.41 21.87 -14.65
C GLY B 38 -4.25 21.03 -13.72
N CYS B 39 -5.13 21.73 -13.03
CA CYS B 39 -6.11 21.20 -12.12
C CYS B 39 -7.52 21.42 -12.70
N GLY B 40 -8.35 20.38 -12.63
CA GLY B 40 -9.66 20.41 -13.21
C GLY B 40 -9.63 19.58 -14.47
N LYS B 41 -10.37 18.49 -14.48
CA LYS B 41 -10.26 17.52 -15.58
C LYS B 41 -10.64 18.08 -16.96
N GLU B 42 -11.66 18.95 -17.03
CA GLU B 42 -12.05 19.49 -18.35
C GLU B 42 -10.95 20.35 -18.97
N LEU B 43 -10.35 21.23 -18.18
CA LEU B 43 -9.23 22.06 -18.66
C LEU B 43 -8.03 21.21 -19.02
N VAL B 44 -7.71 20.24 -18.16
CA VAL B 44 -6.58 19.36 -18.41
C VAL B 44 -6.81 18.60 -19.73
N TRP B 45 -8.03 18.10 -19.92
CA TRP B 45 -8.38 17.36 -21.13
C TRP B 45 -8.23 18.21 -22.38
N GLN B 46 -8.76 19.44 -22.34
CA GLN B 46 -8.64 20.31 -23.50
CA GLN B 46 -8.63 20.41 -23.44
C GLN B 46 -7.17 20.62 -23.78
N ARG B 47 -6.38 20.87 -22.76
CA ARG B 47 -4.96 21.13 -22.98
C ARG B 47 -4.20 19.91 -23.53
N LEU B 48 -4.56 18.72 -23.07
CA LEU B 48 -3.91 17.48 -23.55
C LEU B 48 -4.22 17.28 -25.04
N ILE B 49 -5.51 17.36 -25.38
CA ILE B 49 -5.98 17.08 -26.73
C ILE B 49 -5.46 18.15 -27.70
N GLY B 50 -5.20 19.36 -27.22
CA GLY B 50 -4.53 20.36 -28.03
C GLY B 50 -3.01 20.24 -28.18
N GLY B 51 -2.41 19.20 -27.62
CA GLY B 51 -0.98 18.96 -27.78
C GLY B 51 -0.17 19.63 -26.72
N GLY B 52 -0.79 20.07 -25.63
CA GLY B 52 0.00 20.74 -24.56
C GLY B 52 0.88 19.78 -23.79
N SER B 53 1.89 20.34 -23.12
CA SER B 53 2.88 19.57 -22.37
C SER B 53 3.04 20.21 -21.00
N GLY B 54 3.21 19.38 -20.00
CA GLY B 54 3.44 19.84 -18.66
C GLY B 54 4.90 19.73 -18.27
N LEU B 55 5.79 19.47 -19.23
CA LEU B 55 7.17 19.25 -18.88
C LEU B 55 7.95 20.58 -18.83
N ARG B 56 8.74 20.72 -17.78
CA ARG B 56 9.42 21.94 -17.47
C ARG B 56 10.77 21.65 -16.87
N ARG B 57 11.65 22.63 -16.97
CA ARG B 57 12.94 22.56 -16.29
C ARG B 57 12.70 22.60 -14.78
N LEU B 58 13.25 21.64 -14.05
CA LEU B 58 13.16 21.61 -12.59
C LEU B 58 14.02 22.69 -11.93
N GLY B 59 13.65 23.10 -10.73
CA GLY B 59 14.50 23.93 -9.92
C GLY B 59 15.84 23.28 -9.62
N ASP B 60 16.87 24.13 -9.52
CA ASP B 60 18.21 23.70 -9.10
C ASP B 60 18.22 23.04 -7.69
N ASP B 61 17.31 23.44 -6.82
CA ASP B 61 17.20 22.80 -5.52
C ASP B 61 16.85 21.30 -5.63
N ILE B 62 16.19 20.90 -6.72
CA ILE B 62 15.85 19.51 -6.99
C ILE B 62 16.91 18.84 -7.86
N ALA B 63 17.25 19.45 -8.99
CA ALA B 63 18.02 18.79 -10.04
C ALA B 63 19.42 19.37 -10.31
N GLY B 64 19.84 20.36 -9.52
CA GLY B 64 21.08 21.05 -9.71
C GLY B 64 22.35 20.18 -9.82
N GLU B 65 22.38 19.07 -9.10
CA GLU B 65 23.51 18.17 -9.11
C GLU B 65 23.37 17.08 -10.14
N LEU B 66 22.19 16.95 -10.73
CA LEU B 66 21.88 15.81 -11.57
C LEU B 66 21.86 16.19 -13.07
N SER B 67 21.93 15.18 -13.93
CA SER B 67 21.84 15.37 -15.36
CA SER B 67 21.82 15.40 -15.37
C SER B 67 20.40 15.19 -15.89
N ALA B 68 19.48 14.76 -15.01
CA ALA B 68 18.04 14.67 -15.31
C ALA B 68 17.44 16.01 -14.87
N LYS B 69 17.08 16.86 -15.82
CA LYS B 69 16.76 18.25 -15.54
C LYS B 69 15.30 18.61 -15.74
N VAL B 70 14.50 17.67 -16.25
CA VAL B 70 13.14 17.99 -16.72
C VAL B 70 12.17 17.20 -15.84
N GLY B 71 11.05 17.81 -15.49
CA GLY B 71 9.99 17.10 -14.77
C GLY B 71 8.61 17.64 -15.18
N GLY B 72 7.58 16.86 -14.91
CA GLY B 72 6.21 17.30 -15.04
C GLY B 72 5.79 17.90 -13.71
N THR B 73 5.80 19.22 -13.61
CA THR B 73 5.54 19.89 -12.35
C THR B 73 4.10 20.44 -12.31
N VAL B 74 3.52 20.47 -11.13
CA VAL B 74 2.23 21.09 -10.87
C VAL B 74 2.49 22.57 -10.52
N GLN B 75 1.88 23.46 -11.27
CA GLN B 75 2.13 24.87 -11.11
C GLN B 75 1.13 25.50 -10.18
N ASP B 76 1.54 26.60 -9.55
CA ASP B 76 0.64 27.38 -8.72
C ASP B 76 -0.18 28.39 -9.55
N VAL B 77 -1.10 29.10 -8.88
CA VAL B 77 -2.02 30.03 -9.59
C VAL B 77 -1.29 31.27 -10.16
N ALA B 78 -0.17 31.70 -9.56
CA ALA B 78 0.67 32.76 -10.19
C ALA B 78 1.18 32.34 -11.57
N GLU B 79 1.63 31.09 -11.66
CA GLU B 79 2.22 30.56 -12.88
C GLU B 79 1.12 30.12 -13.89
N ASP B 80 -0.03 29.66 -13.41
CA ASP B 80 -1.12 29.16 -14.28
C ASP B 80 -2.45 29.69 -13.70
N PRO B 81 -2.83 30.91 -14.10
CA PRO B 81 -4.02 31.55 -13.49
C PRO B 81 -5.30 30.74 -13.65
N GLU B 82 -5.50 30.09 -14.80
CA GLU B 82 -6.71 29.29 -15.01
C GLU B 82 -6.70 27.91 -14.38
N GLY B 83 -5.56 27.24 -14.43
CA GLY B 83 -5.47 25.86 -14.00
C GLY B 83 -4.55 25.57 -12.84
N GLY B 84 -4.07 26.61 -12.16
CA GLY B 84 -3.09 26.39 -11.09
C GLY B 84 -3.62 25.66 -9.87
N PHE B 85 -2.69 25.12 -9.11
CA PHE B 85 -2.94 24.34 -7.91
C PHE B 85 -2.99 25.24 -6.69
N ASP B 86 -4.14 25.28 -6.04
CA ASP B 86 -4.26 25.98 -4.78
C ASP B 86 -4.94 25.15 -3.73
N PRO B 87 -4.14 24.51 -2.88
CA PRO B 87 -4.72 23.54 -1.96
C PRO B 87 -5.57 24.19 -0.85
N GLU B 88 -5.41 25.51 -0.62
CA GLU B 88 -6.28 26.22 0.33
C GLU B 88 -7.74 26.23 -0.07
N ARG B 89 -8.03 25.93 -1.33
CA ARG B 89 -9.40 25.72 -1.75
C ARG B 89 -10.01 24.48 -1.09
N SER B 90 -9.17 23.51 -0.70
CA SER B 90 -9.65 22.26 -0.11
CA SER B 90 -9.69 22.28 -0.12
C SER B 90 -9.35 22.12 1.36
N VAL B 91 -8.30 22.80 1.83
CA VAL B 91 -7.78 22.63 3.16
C VAL B 91 -7.48 24.02 3.73
N PRO B 92 -7.99 24.33 4.92
CA PRO B 92 -7.64 25.59 5.57
C PRO B 92 -6.12 25.75 5.70
N HIS B 93 -5.64 26.97 5.46
CA HIS B 93 -4.21 27.27 5.56
C HIS B 93 -3.51 26.67 6.78
N LYS B 94 -4.07 26.84 7.98
CA LYS B 94 -3.43 26.26 9.20
C LYS B 94 -3.23 24.76 9.12
N GLU B 95 -4.13 24.05 8.46
CA GLU B 95 -4.03 22.59 8.36
C GLU B 95 -3.03 22.06 7.33
N LEU B 96 -2.55 22.92 6.43
CA LEU B 96 -1.60 22.48 5.38
C LEU B 96 -0.28 22.01 5.96
N ARG B 97 0.13 22.56 7.13
CA ARG B 97 1.34 22.16 7.85
C ARG B 97 1.29 20.71 8.29
N LYS B 98 0.11 20.14 8.29
CA LYS B 98 -0.06 18.78 8.74
C LYS B 98 0.04 17.73 7.61
N MET B 99 0.16 18.17 6.37
CA MET B 99 0.10 17.26 5.22
C MET B 99 1.11 17.58 4.12
N ASP B 100 1.84 16.54 3.73
CA ASP B 100 2.83 16.67 2.65
C ASP B 100 2.07 16.99 1.35
N ARG B 101 2.83 17.40 0.36
CA ARG B 101 2.28 17.86 -0.90
C ARG B 101 1.41 16.80 -1.59
N PHE B 102 1.79 15.51 -1.50
CA PHE B 102 1.02 14.49 -2.21
C PHE B 102 -0.40 14.41 -1.66
N ILE B 103 -0.52 14.61 -0.35
CA ILE B 103 -1.84 14.65 0.34
C ILE B 103 -2.66 15.88 -0.05
N GLN B 104 -1.99 17.02 -0.14
CA GLN B 104 -2.68 18.25 -0.55
C GLN B 104 -3.28 18.08 -1.96
N MET B 105 -2.52 17.47 -2.86
CA MET B 105 -3.03 17.21 -4.20
C MET B 105 -4.20 16.22 -4.18
N ALA B 106 -4.08 15.19 -3.35
CA ALA B 106 -5.13 14.17 -3.21
C ALA B 106 -6.45 14.81 -2.79
N MET B 107 -6.34 15.76 -1.87
CA MET B 107 -7.51 16.43 -1.30
C MET B 107 -8.27 17.24 -2.36
N VAL B 108 -7.51 17.98 -3.18
CA VAL B 108 -8.07 18.79 -4.25
C VAL B 108 -8.72 17.91 -5.35
N ALA B 109 -8.02 16.86 -5.81
CA ALA B 109 -8.57 15.94 -6.81
C ALA B 109 -9.81 15.23 -6.29
N ALA B 110 -9.78 14.83 -5.02
CA ALA B 110 -10.92 14.11 -4.43
C ALA B 110 -12.15 15.02 -4.37
N ASP B 111 -11.96 16.28 -3.97
CA ASP B 111 -13.06 17.25 -3.92
C ASP B 111 -13.69 17.41 -5.31
N GLU B 112 -12.84 17.52 -6.34
CA GLU B 112 -13.38 17.64 -7.72
C GLU B 112 -14.25 16.40 -8.12
N ALA B 113 -13.68 15.21 -7.92
CA ALA B 113 -14.37 13.95 -8.29
C ALA B 113 -15.71 13.81 -7.54
N LEU B 114 -15.67 14.11 -6.25
CA LEU B 114 -16.87 14.01 -5.40
C LEU B 114 -17.98 15.01 -5.74
N ALA B 115 -17.58 16.23 -6.11
CA ALA B 115 -18.53 17.25 -6.57
C ALA B 115 -19.18 16.81 -7.90
N GLU B 116 -18.40 16.28 -8.82
CA GLU B 116 -18.96 15.81 -10.09
C GLU B 116 -19.95 14.65 -9.87
N ALA B 117 -19.57 13.72 -9.00
CA ALA B 117 -20.43 12.59 -8.62
C ALA B 117 -21.67 12.95 -7.80
N GLY B 118 -21.65 14.10 -7.15
CA GLY B 118 -22.71 14.54 -6.21
C GLY B 118 -22.79 13.59 -5.01
N TRP B 119 -21.62 13.15 -4.53
CA TRP B 119 -21.56 12.24 -3.39
C TRP B 119 -21.04 12.90 -2.17
N ALA B 120 -21.94 13.23 -1.25
CA ALA B 120 -21.54 14.01 -0.06
C ALA B 120 -22.50 13.58 1.04
N PRO B 121 -22.40 12.31 1.45
CA PRO B 121 -23.40 11.81 2.38
C PRO B 121 -23.28 12.45 3.78
N GLU B 122 -24.41 12.81 4.36
CA GLU B 122 -24.42 13.35 5.73
C GLU B 122 -24.88 12.32 6.78
N ALA B 123 -25.50 11.23 6.31
CA ALA B 123 -26.00 10.15 7.18
C ALA B 123 -24.99 9.02 7.29
N GLU B 124 -24.93 8.43 8.48
CA GLU B 124 -23.96 7.37 8.72
C GLU B 124 -24.24 6.14 7.85
N GLN B 125 -25.51 5.85 7.54
CA GLN B 125 -25.85 4.74 6.69
C GLN B 125 -25.04 4.78 5.38
N GLN B 126 -24.92 5.95 4.76
CA GLN B 126 -24.14 6.09 3.53
C GLN B 126 -22.65 6.32 3.79
N ARG B 127 -22.31 7.09 4.83
CA ARG B 127 -20.90 7.30 5.19
C ARG B 127 -20.15 5.97 5.45
N GLU B 128 -20.82 5.07 6.15
CA GLU B 128 -20.25 3.74 6.44
C GLU B 128 -20.09 2.85 5.21
N ARG B 129 -20.76 3.20 4.12
CA ARG B 129 -20.66 2.46 2.85
C ARG B 129 -19.80 3.14 1.81
N THR B 130 -19.03 4.14 2.23
CA THR B 130 -18.09 4.80 1.36
C THR B 130 -16.66 4.45 1.79
N ALA B 131 -15.92 3.84 0.86
CA ALA B 131 -14.50 3.52 1.01
C ALA B 131 -13.66 4.59 0.37
N THR B 132 -12.39 4.60 0.78
CA THR B 132 -11.43 5.59 0.34
C THR B 132 -10.14 4.82 0.08
N VAL B 133 -9.74 4.71 -1.20
CA VAL B 133 -8.63 3.84 -1.61
C VAL B 133 -7.70 4.68 -2.48
N VAL B 134 -6.61 5.15 -1.87
CA VAL B 134 -5.71 6.07 -2.56
C VAL B 134 -4.28 5.57 -2.50
N ALA B 135 -3.74 5.32 -3.68
CA ALA B 135 -2.38 4.81 -3.85
C ALA B 135 -1.37 5.92 -3.79
N SER B 136 -0.17 5.58 -3.37
CA SER B 136 1.00 6.38 -3.70
C SER B 136 2.21 5.47 -3.92
N GLY B 137 3.17 5.84 -4.75
CA GLY B 137 4.36 5.00 -4.96
C GLY B 137 5.39 5.20 -3.86
N ILE B 138 5.66 6.47 -3.55
CA ILE B 138 6.69 6.86 -2.62
C ILE B 138 6.14 7.65 -1.45
N GLY B 139 4.93 8.21 -1.57
CA GLY B 139 4.31 8.90 -0.46
C GLY B 139 5.04 10.19 -0.18
N GLY B 140 5.14 10.55 1.09
CA GLY B 140 5.65 11.86 1.48
C GLY B 140 7.15 11.91 1.46
N PHE B 141 7.75 11.61 0.31
CA PHE B 141 9.21 11.68 0.19
C PHE B 141 9.81 13.03 0.59
N PRO B 142 9.27 14.18 0.10
CA PRO B 142 9.85 15.46 0.53
C PRO B 142 9.76 15.68 2.03
N GLY B 143 8.64 15.25 2.63
CA GLY B 143 8.42 15.33 4.09
C GLY B 143 9.45 14.50 4.86
N LEU B 144 9.60 13.25 4.44
CA LEU B 144 10.55 12.34 5.08
CA LEU B 144 10.56 12.31 5.03
C LEU B 144 11.96 12.89 4.92
N ALA B 145 12.32 13.34 3.71
CA ALA B 145 13.68 13.87 3.45
C ALA B 145 13.99 15.12 4.33
N GLU B 146 13.02 16.03 4.44
CA GLU B 146 13.17 17.16 5.33
C GLU B 146 13.37 16.75 6.79
N ALA B 147 12.59 15.78 7.26
CA ALA B 147 12.78 15.28 8.66
C ALA B 147 14.20 14.74 8.85
N VAL B 148 14.68 13.94 7.92
CA VAL B 148 16.07 13.45 7.99
C VAL B 148 17.12 14.60 8.00
N ARG B 149 16.93 15.61 7.14
CA ARG B 149 17.85 16.73 7.10
C ARG B 149 17.79 17.52 8.41
N ILE B 150 16.59 17.72 8.95
CA ILE B 150 16.44 18.34 10.26
C ILE B 150 17.24 17.56 11.28
N GLY B 151 17.11 16.23 11.23
CA GLY B 151 17.84 15.34 12.12
C GLY B 151 19.36 15.52 12.07
N GLU B 152 19.88 15.79 10.88
CA GLU B 152 21.31 16.02 10.71
C GLU B 152 21.75 17.42 11.13
N THR B 153 20.86 18.40 11.07
CA THR B 153 21.26 19.79 11.29
C THR B 153 20.87 20.31 12.68
N ARG B 154 19.60 20.28 12.97
CA ARG B 154 19.08 20.84 14.20
C ARG B 154 18.88 19.78 15.30
N GLY B 155 18.70 18.53 14.89
CA GLY B 155 18.56 17.43 15.81
C GLY B 155 17.15 16.94 15.80
N VAL B 156 16.99 15.65 16.07
CA VAL B 156 15.66 15.04 16.01
C VAL B 156 14.71 15.57 17.10
N ARG B 157 15.27 16.17 18.15
CA ARG B 157 14.43 16.81 19.14
C ARG B 157 13.63 18.00 18.53
N ARG B 158 14.07 18.55 17.40
CA ARG B 158 13.35 19.67 16.78
C ARG B 158 12.24 19.25 15.81
N LEU B 159 11.99 17.95 15.65
CA LEU B 159 10.99 17.52 14.68
C LEU B 159 9.59 17.97 15.08
N SER B 160 8.80 18.31 14.09
CA SER B 160 7.39 18.68 14.31
C SER B 160 6.61 17.52 14.94
N PRO B 161 5.68 17.80 15.87
CA PRO B 161 4.77 16.75 16.31
C PRO B 161 3.99 16.08 15.18
N PHE B 162 3.88 16.74 14.03
CA PHE B 162 3.14 16.16 12.89
C PHE B 162 3.99 15.32 11.97
N THR B 163 5.25 15.10 12.32
CA THR B 163 6.18 14.48 11.40
C THR B 163 5.65 13.17 10.79
N ILE B 164 5.19 12.24 11.63
CA ILE B 164 4.78 10.95 11.11
C ILE B 164 3.55 11.04 10.19
N PRO B 165 2.41 11.54 10.69
CA PRO B 165 1.27 11.58 9.76
C PRO B 165 1.41 12.54 8.54
N PHE B 166 2.35 13.47 8.64
CA PHE B 166 2.64 14.35 7.50
C PHE B 166 2.99 13.53 6.24
N PHE B 167 3.71 12.44 6.43
CA PHE B 167 4.28 11.74 5.28
C PHE B 167 3.70 10.37 5.06
N LEU B 168 2.96 9.79 6.03
CA LEU B 168 2.50 8.41 5.83
C LEU B 168 1.64 8.32 4.58
N SER B 169 1.89 7.30 3.75
CA SER B 169 1.18 7.12 2.49
C SER B 169 -0.31 7.09 2.69
N ASN B 170 -0.77 6.38 3.71
CA ASN B 170 -2.21 6.21 3.91
C ASN B 170 -2.94 7.46 4.42
N LEU B 171 -2.20 8.53 4.72
CA LEU B 171 -2.84 9.74 5.17
C LEU B 171 -3.41 10.57 4.01
N ALA B 172 -3.10 10.21 2.74
CA ALA B 172 -3.88 10.75 1.63
C ALA B 172 -5.33 10.28 1.72
N ALA B 173 -5.54 8.96 1.72
CA ALA B 173 -6.90 8.39 1.95
C ALA B 173 -7.43 8.86 3.30
N GLY B 174 -6.56 8.86 4.30
CA GLY B 174 -6.95 9.29 5.64
C GLY B 174 -7.53 10.70 5.71
N GLN B 175 -6.82 11.66 5.13
CA GLN B 175 -7.29 13.05 5.23
C GLN B 175 -8.59 13.26 4.41
N ILE B 176 -8.71 12.58 3.28
CA ILE B 176 -9.91 12.61 2.46
C ILE B 176 -11.08 12.06 3.27
N SER B 177 -10.88 10.92 3.92
CA SER B 177 -11.89 10.28 4.73
CA SER B 177 -11.95 10.31 4.67
C SER B 177 -12.37 11.20 5.87
N ILE B 178 -11.40 11.82 6.55
CA ILE B 178 -11.71 12.74 7.65
C ILE B 178 -12.54 13.92 7.17
N LYS B 179 -12.16 14.54 6.08
CA LYS B 179 -12.86 15.71 5.59
C LYS B 179 -14.29 15.33 5.22
N HIS B 180 -14.45 14.21 4.53
CA HIS B 180 -15.76 13.84 3.96
C HIS B 180 -16.59 12.87 4.77
N ARG B 181 -16.04 12.49 5.93
CA ARG B 181 -16.67 11.53 6.85
CA ARG B 181 -16.66 11.53 6.85
CA ARG B 181 -16.65 11.52 6.86
C ARG B 181 -16.95 10.17 6.20
N PHE B 182 -15.99 9.65 5.44
CA PHE B 182 -16.12 8.36 4.80
C PHE B 182 -15.61 7.32 5.79
N ARG B 183 -16.49 6.39 6.15
CA ARG B 183 -16.28 5.52 7.28
C ARG B 183 -16.20 4.04 6.92
N GLY B 184 -16.30 3.74 5.63
CA GLY B 184 -16.04 2.41 5.13
C GLY B 184 -14.54 2.15 5.01
N PRO B 185 -14.16 1.07 4.32
CA PRO B 185 -12.79 0.61 4.21
C PRO B 185 -11.85 1.70 3.73
N LEU B 186 -10.67 1.75 4.30
CA LEU B 186 -9.57 2.54 3.77
C LEU B 186 -8.53 1.63 3.14
N GLY B 187 -8.00 2.07 2.00
CA GLY B 187 -6.98 1.36 1.29
C GLY B 187 -5.86 2.30 0.85
N CYS B 188 -4.66 1.74 0.76
CA CYS B 188 -3.52 2.46 0.24
C CYS B 188 -2.53 1.47 -0.39
N PRO B 189 -2.77 1.12 -1.67
CA PRO B 189 -1.81 0.24 -2.32
C PRO B 189 -0.55 1.00 -2.69
N VAL B 190 0.60 0.44 -2.32
CA VAL B 190 1.87 1.07 -2.63
C VAL B 190 2.66 0.06 -3.49
N THR B 191 2.16 -0.21 -4.67
CA THR B 191 2.76 -1.11 -5.62
C THR B 191 3.37 -0.30 -6.78
N ALA B 192 4.27 0.61 -6.40
CA ALA B 192 5.07 1.38 -7.34
C ALA B 192 4.22 1.99 -8.41
N CSU B 193 4.64 1.92 -9.66
CA CSU B 193 4.01 2.68 -10.72
CB CSU B 193 5.11 3.12 -11.70
SG CSU B 193 6.24 4.18 -10.83
S CSU B 193 7.83 3.01 -10.68
C CSU B 193 2.80 2.00 -11.32
O CSU B 193 2.25 2.50 -12.29
OD1 CSU B 193 8.30 3.34 -9.35
OD2 CSU B 193 7.60 1.60 -10.65
OD3 CSU B 193 9.08 3.23 -11.68
N ALA B 194 2.37 0.87 -10.75
CA ALA B 194 1.08 0.27 -11.02
C ALA B 194 0.02 0.62 -9.98
N ALA B 195 0.42 1.37 -8.95
CA ALA B 195 -0.35 1.48 -7.72
C ALA B 195 -1.80 1.96 -7.90
N SER B 196 -2.03 3.02 -8.67
CA SER B 196 -3.38 3.56 -8.75
C SER B 196 -4.25 2.82 -9.79
N VAL B 197 -3.63 1.98 -10.64
CA VAL B 197 -4.42 0.99 -11.39
C VAL B 197 -4.97 -0.02 -10.42
N GLN B 198 -4.13 -0.52 -9.51
CA GLN B 198 -4.63 -1.42 -8.49
C GLN B 198 -5.68 -0.77 -7.60
N ALA B 199 -5.54 0.50 -7.26
CA ALA B 199 -6.57 1.18 -6.44
C ALA B 199 -7.94 1.08 -7.08
N ILE B 200 -7.99 1.32 -8.38
CA ILE B 200 -9.26 1.22 -9.15
C ILE B 200 -9.81 -0.22 -9.19
N GLY B 201 -8.92 -1.19 -9.45
CA GLY B 201 -9.27 -2.59 -9.41
C GLY B 201 -9.77 -3.00 -8.05
N ASP B 202 -9.09 -2.54 -6.99
CA ASP B 202 -9.48 -2.83 -5.59
C ASP B 202 -10.87 -2.22 -5.26
N ALA B 203 -11.11 -1.00 -5.74
CA ALA B 203 -12.42 -0.34 -5.61
C ALA B 203 -13.52 -1.17 -6.27
N MET B 204 -13.30 -1.59 -7.51
CA MET B 204 -14.25 -2.43 -8.24
C MET B 204 -14.52 -3.71 -7.45
N ARG B 205 -13.46 -4.33 -6.94
CA ARG B 205 -13.57 -5.56 -6.16
C ARG B 205 -14.47 -5.39 -4.93
N MET B 206 -14.29 -4.28 -4.21
CA MET B 206 -15.07 -4.02 -3.04
C MET B 206 -16.53 -3.78 -3.34
N ILE B 207 -16.87 -3.17 -4.47
CA ILE B 207 -18.27 -3.03 -4.87
C ILE B 207 -18.85 -4.46 -5.12
N ARG B 208 -18.10 -5.28 -5.84
CA ARG B 208 -18.53 -6.62 -6.19
C ARG B 208 -18.63 -7.56 -5.01
N THR B 209 -17.83 -7.35 -3.98
CA THR B 209 -17.99 -8.18 -2.79
C THR B 209 -19.04 -7.67 -1.80
N GLY B 210 -19.56 -6.46 -2.02
CA GLY B 210 -20.55 -5.88 -1.12
C GLY B 210 -19.92 -5.15 0.05
N GLU B 211 -18.60 -4.95 0.02
CA GLU B 211 -17.94 -4.30 1.16
C GLU B 211 -18.04 -2.77 1.13
N ALA B 212 -18.52 -2.20 0.03
CA ALA B 212 -18.76 -0.78 -0.05
C ALA B 212 -19.76 -0.53 -1.16
N ASP B 213 -20.48 0.58 -1.07
CA ASP B 213 -21.36 1.03 -2.17
C ASP B 213 -20.70 2.08 -3.05
N VAL B 214 -19.87 2.92 -2.45
CA VAL B 214 -19.19 3.99 -3.19
C VAL B 214 -17.74 3.95 -2.76
N VAL B 215 -16.85 4.10 -3.73
CA VAL B 215 -15.41 4.14 -3.42
C VAL B 215 -14.81 5.36 -4.09
N LEU B 216 -14.10 6.17 -3.31
CA LEU B 216 -13.29 7.22 -3.84
C LEU B 216 -11.92 6.58 -4.01
N ALA B 217 -11.49 6.41 -5.26
CA ALA B 217 -10.30 5.66 -5.59
C ALA B 217 -9.34 6.48 -6.44
N GLY B 218 -8.06 6.33 -6.21
CA GLY B 218 -7.11 7.01 -7.06
C GLY B 218 -5.68 6.90 -6.58
N GLY B 219 -4.90 7.92 -6.93
CA GLY B 219 -3.48 7.94 -6.58
C GLY B 219 -3.00 9.35 -6.44
N ALA B 220 -1.92 9.52 -5.68
CA ALA B 220 -1.37 10.86 -5.47
C ALA B 220 0.12 10.72 -5.27
N GLU B 221 0.89 11.60 -5.92
CA GLU B 221 2.37 11.52 -5.90
C GLU B 221 2.98 12.88 -6.04
N ALA B 222 3.91 13.22 -5.14
CA ALA B 222 4.66 14.47 -5.24
C ALA B 222 5.99 14.16 -4.57
N ALA B 223 6.87 13.55 -5.34
CA ALA B 223 8.07 12.97 -4.78
C ALA B 223 9.34 13.72 -5.17
N PHE B 224 9.25 14.90 -5.77
CA PHE B 224 10.43 15.60 -6.24
C PHE B 224 11.35 15.97 -5.08
N ASP B 225 12.60 15.53 -5.16
CA ASP B 225 13.63 15.81 -4.17
C ASP B 225 14.90 15.39 -4.87
N LYS B 226 16.03 15.99 -4.54
CA LYS B 226 17.28 15.54 -5.16
C LYS B 226 17.60 14.05 -4.91
N VAL B 227 17.14 13.48 -3.79
CA VAL B 227 17.45 12.09 -3.48
C VAL B 227 16.59 11.07 -4.25
N SER B 228 15.31 11.36 -4.40
CA SER B 228 14.44 10.51 -5.17
C SER B 228 14.82 10.55 -6.64
N LEU B 229 15.01 11.76 -7.16
CA LEU B 229 15.48 11.89 -8.53
C LEU B 229 16.83 11.24 -8.67
N GLY B 230 17.73 11.49 -7.72
CA GLY B 230 19.06 10.86 -7.75
C GLY B 230 19.02 9.34 -7.77
N GLY B 231 18.06 8.78 -7.04
CA GLY B 231 17.89 7.33 -6.96
C GLY B 231 17.48 6.77 -8.32
N PHE B 232 16.51 7.41 -8.96
CA PHE B 232 16.08 6.99 -10.30
C PHE B 232 17.19 7.18 -11.36
N ALA B 233 17.94 8.28 -11.22
CA ALA B 233 19.06 8.54 -12.10
C ALA B 233 20.14 7.46 -11.89
N ALA B 234 20.35 7.03 -10.65
CA ALA B 234 21.31 5.94 -10.37
C ALA B 234 20.90 4.60 -11.02
N ALA B 235 19.59 4.35 -11.17
CA ALA B 235 19.06 3.19 -11.89
C ALA B 235 19.02 3.33 -13.40
N ARG B 236 19.55 4.45 -13.91
CA ARG B 236 19.60 4.81 -15.32
C ARG B 236 18.22 4.94 -15.94
N ALA B 237 17.19 5.21 -15.14
CA ALA B 237 15.83 5.18 -15.58
C ALA B 237 15.29 6.54 -16.12
N LEU B 238 16.02 7.62 -15.88
CA LEU B 238 15.57 8.97 -16.23
C LEU B 238 16.18 9.48 -17.52
N SER B 239 15.35 10.21 -18.28
CA SER B 239 15.81 10.99 -19.40
C SER B 239 16.88 12.00 -18.99
N THR B 240 17.97 12.05 -19.73
CA THR B 240 19.03 13.02 -19.47
C THR B 240 19.46 13.81 -20.70
N GLY B 241 18.97 13.44 -21.89
CA GLY B 241 19.49 13.96 -23.14
C GLY B 241 18.72 15.10 -23.77
N PHE B 242 17.67 15.57 -23.10
CA PHE B 242 16.83 16.62 -23.67
C PHE B 242 16.70 17.83 -22.74
N SER B 243 17.72 18.12 -21.92
CA SER B 243 17.64 19.25 -20.96
C SER B 243 17.36 20.59 -21.60
N GLU B 244 17.83 20.75 -22.81
CA GLU B 244 17.69 22.01 -23.50
CA GLU B 244 17.71 22.00 -23.55
C GLU B 244 16.33 22.14 -24.16
N GLU B 245 15.59 21.03 -24.26
CA GLU B 245 14.32 21.04 -24.97
C GLU B 245 13.34 20.20 -24.17
N PRO B 246 12.92 20.71 -22.98
CA PRO B 246 12.22 19.86 -21.98
C PRO B 246 11.02 19.09 -22.56
N VAL B 247 10.26 19.75 -23.43
CA VAL B 247 9.01 19.16 -23.89
C VAL B 247 9.27 17.90 -24.72
N ARG B 248 10.47 17.81 -25.30
CA ARG B 248 10.88 16.64 -26.07
C ARG B 248 11.38 15.44 -25.25
N ALA B 249 11.53 15.59 -23.94
CA ALA B 249 12.21 14.57 -23.16
C ALA B 249 11.37 13.31 -22.96
N SER B 250 10.05 13.43 -22.87
CA SER B 250 9.21 12.23 -22.71
C SER B 250 8.70 11.79 -24.09
N ARG B 251 9.21 10.66 -24.56
CA ARG B 251 8.95 10.22 -25.93
C ARG B 251 8.68 8.72 -26.04
N PRO B 252 7.56 8.30 -25.44
CA PRO B 252 7.23 6.88 -25.42
C PRO B 252 7.17 6.31 -26.84
N PHE B 253 7.72 5.10 -27.00
CA PHE B 253 7.77 4.37 -28.28
C PHE B 253 8.74 4.93 -29.31
N ASP B 254 9.37 6.07 -29.02
CA ASP B 254 10.24 6.71 -30.00
C ASP B 254 11.65 6.10 -29.96
N ARG B 255 12.27 6.06 -31.14
CA ARG B 255 13.63 5.56 -31.36
C ARG B 255 14.63 6.19 -30.38
N ASP B 256 14.46 7.47 -30.14
CA ASP B 256 15.41 8.25 -29.36
C ASP B 256 15.06 8.42 -27.88
N ARG B 257 14.12 7.61 -27.37
CA ARG B 257 13.81 7.68 -25.93
C ARG B 257 15.03 7.30 -25.10
N ASP B 258 15.17 7.94 -23.94
CA ASP B 258 16.33 7.69 -23.10
C ASP B 258 15.99 7.66 -21.58
N GLY B 259 14.74 7.35 -21.27
CA GLY B 259 14.33 7.24 -19.90
C GLY B 259 13.10 8.06 -19.60
N PHE B 260 12.50 7.84 -18.44
CA PHE B 260 11.25 8.57 -18.17
C PHE B 260 11.50 9.96 -17.59
N VAL B 261 10.43 10.75 -17.56
CA VAL B 261 10.47 12.07 -16.97
C VAL B 261 9.54 12.06 -15.78
N MET B 262 10.10 12.28 -14.58
CA MET B 262 9.29 12.24 -13.37
C MET B 262 8.26 13.35 -13.38
N GLY B 263 7.06 13.03 -12.92
CA GLY B 263 6.01 14.01 -12.70
C GLY B 263 5.37 13.90 -11.34
N GLU B 264 4.42 14.79 -11.07
CA GLU B 264 3.66 14.82 -9.83
C GLU B 264 2.22 15.18 -10.14
N GLY B 265 1.33 14.76 -9.23
CA GLY B 265 -0.08 15.01 -9.41
C GLY B 265 -0.93 14.07 -8.61
N ALA B 266 -2.24 14.20 -8.78
CA ALA B 266 -3.20 13.29 -8.18
C ALA B 266 -4.40 13.16 -9.12
N ALA B 267 -5.03 12.00 -9.13
CA ALA B 267 -6.29 11.82 -9.89
C ALA B 267 -7.12 10.83 -9.13
N MET B 268 -8.42 11.06 -9.18
CA MET B 268 -9.39 10.28 -8.42
C MET B 268 -10.62 10.02 -9.25
N VAL B 269 -11.27 8.89 -8.99
CA VAL B 269 -12.55 8.54 -9.57
C VAL B 269 -13.50 8.13 -8.45
N VAL B 270 -14.79 8.38 -8.65
CA VAL B 270 -15.82 7.87 -7.78
C VAL B 270 -16.44 6.66 -8.45
N VAL B 271 -16.38 5.52 -7.76
CA VAL B 271 -16.76 4.22 -8.32
C VAL B 271 -17.97 3.70 -7.54
N GLU B 272 -19.00 3.22 -8.25
CA GLU B 272 -20.16 2.63 -7.58
C GLU B 272 -20.87 1.70 -8.57
N SER B 273 -21.84 0.91 -8.11
CA SER B 273 -22.52 0.04 -9.06
C SER B 273 -23.41 0.90 -9.96
N LEU B 274 -23.73 0.40 -11.13
CA LEU B 274 -24.61 1.10 -12.03
C LEU B 274 -25.95 1.26 -11.33
N ASP B 275 -26.40 0.16 -10.71
CA ASP B 275 -27.70 0.20 -10.01
C ASP B 275 -27.78 1.32 -8.93
N HIS B 276 -26.72 1.45 -8.12
CA HIS B 276 -26.64 2.50 -7.09
C HIS B 276 -26.64 3.87 -7.72
N ALA B 277 -25.90 4.05 -8.80
CA ALA B 277 -25.85 5.36 -9.50
C ALA B 277 -27.22 5.73 -10.01
N LEU B 278 -27.88 4.78 -10.68
CA LEU B 278 -29.21 5.03 -11.25
C LEU B 278 -30.24 5.36 -10.15
N ALA B 279 -30.15 4.67 -9.02
CA ALA B 279 -31.07 4.86 -7.90
C ALA B 279 -30.99 6.30 -7.37
N ARG B 280 -29.79 6.85 -7.32
CA ARG B 280 -29.59 8.20 -6.76
C ARG B 280 -29.54 9.26 -7.82
N GLY B 281 -29.70 8.88 -9.09
CA GLY B 281 -29.78 9.84 -10.18
C GLY B 281 -28.41 10.37 -10.62
N ALA B 282 -27.32 9.69 -10.27
CA ALA B 282 -26.00 10.08 -10.73
C ALA B 282 -25.77 9.55 -12.16
N ARG B 283 -25.18 10.35 -13.04
CA ARG B 283 -24.93 9.96 -14.44
C ARG B 283 -23.58 9.24 -14.56
N PRO B 284 -23.57 7.96 -15.01
CA PRO B 284 -22.29 7.28 -15.20
C PRO B 284 -21.53 7.93 -16.32
N ILE B 285 -20.24 8.10 -16.16
CA ILE B 285 -19.41 8.69 -17.17
C ILE B 285 -18.85 7.56 -18.05
N ALA B 286 -18.51 6.43 -17.45
CA ALA B 286 -18.14 5.22 -18.18
C ALA B 286 -18.31 4.04 -17.24
N GLU B 287 -18.20 2.84 -17.81
CA GLU B 287 -18.33 1.60 -17.08
C GLU B 287 -16.97 0.94 -16.91
N ILE B 288 -16.71 0.34 -15.76
CA ILE B 288 -15.47 -0.47 -15.54
C ILE B 288 -15.87 -1.93 -15.74
N ILE B 289 -15.33 -2.57 -16.78
CA ILE B 289 -15.73 -3.94 -17.10
C ILE B 289 -14.68 -5.02 -16.81
N GLY B 290 -13.43 -4.63 -16.56
CA GLY B 290 -12.38 -5.63 -16.35
C GLY B 290 -11.17 -5.07 -15.63
N TYR B 291 -10.51 -5.96 -14.91
CA TYR B 291 -9.30 -5.66 -14.19
C TYR B 291 -8.47 -6.95 -14.07
N GLY B 292 -7.17 -6.83 -14.29
CA GLY B 292 -6.26 -7.93 -14.12
C GLY B 292 -4.96 -7.44 -13.54
N THR B 293 -4.36 -8.25 -12.67
CA THR B 293 -3.05 -7.91 -12.12
C THR B 293 -2.18 -9.16 -11.93
N THR B 294 -0.88 -9.02 -12.21
CA THR B 294 0.03 -10.12 -12.20
C THR B 294 1.38 -9.67 -11.70
N ALA B 295 2.28 -10.65 -11.49
CA ALA B 295 3.67 -10.40 -11.11
C ALA B 295 4.56 -11.13 -12.11
N ASP B 296 5.62 -10.48 -12.56
CA ASP B 296 6.60 -11.11 -13.48
C ASP B 296 7.44 -12.18 -12.78
N ALA B 297 7.79 -11.93 -11.50
CA ALA B 297 8.82 -12.67 -10.79
C ALA B 297 10.05 -12.88 -11.67
N TYR B 298 10.59 -11.76 -12.17
CA TYR B 298 11.68 -11.76 -13.16
C TYR B 298 12.85 -10.93 -12.64
N HIS B 299 12.65 -9.65 -12.45
CA HIS B 299 13.73 -8.77 -12.02
C HIS B 299 13.17 -7.63 -11.25
N MET B 300 13.96 -7.04 -10.36
CA MET B 300 13.47 -6.00 -9.45
CA MET B 300 13.44 -6.00 -9.46
C MET B 300 13.16 -4.64 -10.12
N THR B 301 13.80 -4.34 -11.26
CA THR B 301 13.58 -3.06 -11.93
C THR B 301 13.37 -3.12 -13.44
N ALA B 302 13.05 -4.31 -13.97
CA ALA B 302 12.81 -4.49 -15.39
C ALA B 302 11.88 -5.70 -15.56
N GLY B 303 10.99 -5.62 -16.53
CA GLY B 303 10.21 -6.78 -16.94
C GLY B 303 10.91 -7.51 -18.07
N PRO B 304 10.44 -8.72 -18.37
CA PRO B 304 11.00 -9.50 -19.46
C PRO B 304 10.77 -8.85 -20.81
N ASP B 305 11.65 -9.14 -21.74
CA ASP B 305 11.64 -8.52 -23.08
C ASP B 305 10.35 -8.81 -23.85
N ASP B 306 9.72 -9.93 -23.58
CA ASP B 306 8.49 -10.25 -24.28
C ASP B 306 7.23 -9.74 -23.60
N GLY B 307 7.39 -9.05 -22.49
CA GLY B 307 6.26 -8.48 -21.77
C GLY B 307 5.24 -9.48 -21.28
N SER B 308 5.67 -10.70 -20.98
CA SER B 308 4.70 -11.76 -20.70
C SER B 308 3.83 -11.51 -19.44
N GLY B 309 4.34 -10.85 -18.41
CA GLY B 309 3.49 -10.56 -17.26
C GLY B 309 2.45 -9.51 -17.57
N ALA B 310 2.85 -8.48 -18.30
CA ALA B 310 1.91 -7.44 -18.80
C ALA B 310 0.85 -8.08 -19.68
N MET B 311 1.32 -8.99 -20.53
CA MET B 311 0.40 -9.71 -21.42
C MET B 311 -0.67 -10.42 -20.61
N ARG B 312 -0.24 -11.15 -19.58
CA ARG B 312 -1.18 -11.89 -18.76
C ARG B 312 -2.18 -10.98 -18.06
N ALA B 313 -1.74 -9.83 -17.57
CA ALA B 313 -2.63 -8.88 -16.88
C ALA B 313 -3.69 -8.32 -17.82
N MET B 314 -3.26 -7.98 -19.03
CA MET B 314 -4.17 -7.52 -20.07
C MET B 314 -5.23 -8.58 -20.42
N LYS B 315 -4.78 -9.81 -20.61
CA LYS B 315 -5.71 -10.89 -20.93
C LYS B 315 -6.70 -11.16 -19.79
N LEU B 316 -6.27 -11.04 -18.54
CA LEU B 316 -7.17 -11.17 -17.40
C LEU B 316 -8.27 -10.10 -17.38
N ALA B 317 -7.91 -8.86 -17.72
CA ALA B 317 -8.86 -7.76 -17.79
C ALA B 317 -9.88 -8.02 -18.92
N LEU B 318 -9.39 -8.43 -20.09
CA LEU B 318 -10.24 -8.78 -21.22
C LEU B 318 -11.19 -9.92 -20.89
N ARG B 319 -10.67 -10.95 -20.22
CA ARG B 319 -11.47 -12.10 -19.82
C ARG B 319 -12.60 -11.68 -18.89
N MET B 320 -12.27 -10.87 -17.90
CA MET B 320 -13.25 -10.42 -16.95
C MET B 320 -14.33 -9.63 -17.67
N GLY B 321 -13.94 -8.85 -18.67
CA GLY B 321 -14.92 -8.05 -19.41
C GLY B 321 -15.69 -8.78 -20.49
N ASP B 322 -15.32 -10.04 -20.73
CA ASP B 322 -15.80 -10.85 -21.86
C ASP B 322 -15.65 -10.12 -23.18
N VAL B 323 -14.49 -9.50 -23.36
CA VAL B 323 -14.16 -8.73 -24.53
C VAL B 323 -13.04 -9.46 -25.28
N ALA B 324 -13.25 -9.72 -26.56
CA ALA B 324 -12.18 -10.24 -27.40
C ALA B 324 -11.15 -9.11 -27.71
N PRO B 325 -9.87 -9.45 -27.96
CA PRO B 325 -8.89 -8.38 -28.27
C PRO B 325 -9.30 -7.44 -29.42
N GLU B 326 -9.95 -8.00 -30.45
CA GLU B 326 -10.32 -7.17 -31.61
C GLU B 326 -11.44 -6.17 -31.32
N GLN B 327 -12.10 -6.31 -30.18
CA GLN B 327 -13.11 -5.34 -29.73
C GLN B 327 -12.53 -4.13 -28.97
N VAL B 328 -11.24 -4.13 -28.64
CA VAL B 328 -10.64 -2.99 -27.93
C VAL B 328 -10.33 -1.88 -28.95
N ASP B 329 -10.80 -0.68 -28.69
CA ASP B 329 -10.60 0.45 -29.60
C ASP B 329 -9.37 1.26 -29.31
N TYR B 330 -9.03 1.34 -28.04
CA TYR B 330 -7.99 2.26 -27.56
C TYR B 330 -7.22 1.65 -26.41
N VAL B 331 -5.91 1.81 -26.43
CA VAL B 331 -5.06 1.44 -25.29
C VAL B 331 -4.28 2.67 -24.87
N ASN B 332 -4.42 3.05 -23.60
CA ASN B 332 -3.55 4.01 -22.96
C ASN B 332 -2.44 3.19 -22.35
N ALA B 333 -1.31 3.14 -23.05
CA ALA B 333 -0.16 2.31 -22.65
C ALA B 333 0.51 2.87 -21.41
N HIS B 334 1.15 2.02 -20.64
CA HIS B 334 1.99 2.52 -19.54
C HIS B 334 3.19 3.28 -20.06
N ALA B 335 3.72 2.82 -21.21
CA ALA B 335 4.96 3.31 -21.85
C ALA B 335 5.51 4.63 -21.29
N THR B 336 6.56 4.53 -20.50
CA THR B 336 7.10 5.66 -19.75
C THR B 336 8.27 6.38 -20.45
N SER B 337 8.71 5.85 -21.60
CA SER B 337 9.83 6.37 -22.38
C SER B 337 11.20 5.77 -22.02
N THR B 338 11.22 4.60 -21.38
CA THR B 338 12.49 3.90 -21.11
C THR B 338 12.76 2.95 -22.32
N PRO B 339 14.03 2.67 -22.61
CA PRO B 339 14.32 1.74 -23.73
C PRO B 339 13.73 0.35 -23.59
N VAL B 340 14.01 -0.30 -22.46
CA VAL B 340 13.56 -1.66 -22.23
C VAL B 340 12.08 -1.73 -21.88
N GLY B 341 11.56 -0.75 -21.13
CA GLY B 341 10.17 -0.80 -20.68
C GLY B 341 9.18 -0.71 -21.82
N ASP B 342 9.37 0.26 -22.69
CA ASP B 342 8.42 0.45 -23.81
C ASP B 342 8.49 -0.76 -24.75
N ALA B 343 9.68 -1.32 -24.93
CA ALA B 343 9.87 -2.45 -25.85
C ALA B 343 9.11 -3.69 -25.34
N GLY B 344 9.21 -3.92 -24.03
CA GLY B 344 8.47 -4.98 -23.38
C GLY B 344 6.99 -4.82 -23.60
N GLU B 345 6.47 -3.60 -23.40
CA GLU B 345 5.01 -3.37 -23.59
C GLU B 345 4.58 -3.53 -25.03
N ILE B 346 5.40 -3.08 -25.97
CA ILE B 346 5.21 -3.36 -27.42
C ILE B 346 5.01 -4.85 -27.68
N GLU B 347 5.89 -5.68 -27.14
CA GLU B 347 5.80 -7.14 -27.33
C GLU B 347 4.51 -7.68 -26.71
N ALA B 348 4.17 -7.19 -25.52
CA ALA B 348 2.95 -7.63 -24.84
C ALA B 348 1.73 -7.28 -25.69
N LEU B 349 1.74 -6.06 -26.23
CA LEU B 349 0.61 -5.59 -27.07
C LEU B 349 0.47 -6.45 -28.33
N LYS B 350 1.60 -6.75 -28.96
CA LYS B 350 1.61 -7.66 -30.14
C LYS B 350 1.04 -9.04 -29.81
N THR B 351 1.42 -9.59 -28.66
CA THR B 351 0.91 -10.89 -28.24
C THR B 351 -0.61 -10.87 -28.03
N VAL B 352 -1.09 -9.83 -27.40
CA VAL B 352 -2.51 -9.76 -27.08
C VAL B 352 -3.35 -9.46 -28.33
N PHE B 353 -2.92 -8.47 -29.08
CA PHE B 353 -3.74 -7.90 -30.16
C PHE B 353 -3.34 -8.28 -31.58
N GLY B 354 -2.16 -8.87 -31.73
CA GLY B 354 -1.59 -9.18 -33.02
C GLY B 354 -1.08 -7.93 -33.71
N VAL B 355 -0.83 -8.06 -35.01
CA VAL B 355 -0.28 -7.00 -35.86
C VAL B 355 -1.20 -6.74 -37.07
N GLY B 356 -1.27 -5.51 -37.53
CA GLY B 356 -1.98 -5.22 -38.79
C GLY B 356 -3.34 -4.64 -38.56
N ALA B 357 -3.92 -4.87 -37.37
CA ALA B 357 -5.25 -4.34 -37.08
C ALA B 357 -5.16 -3.77 -35.66
N GLY B 358 -6.06 -4.18 -34.78
CA GLY B 358 -5.83 -3.99 -33.32
C GLY B 358 -6.22 -2.61 -32.90
N PRO B 359 -5.96 -2.26 -31.64
CA PRO B 359 -6.42 -0.99 -31.14
C PRO B 359 -5.49 0.15 -31.49
N ALA B 360 -6.02 1.36 -31.44
CA ALA B 360 -5.18 2.57 -31.45
C ALA B 360 -4.50 2.68 -30.07
N ILE B 361 -3.20 2.96 -30.05
CA ILE B 361 -2.40 2.94 -28.83
C ILE B 361 -1.67 4.29 -28.66
N SER B 362 -1.77 4.88 -27.48
CA SER B 362 -0.94 6.03 -27.18
C SER B 362 -0.49 6.01 -25.73
N SER B 363 0.52 6.83 -25.43
CA SER B 363 0.92 7.07 -24.09
C SER B 363 0.87 8.56 -23.78
N THR B 364 0.06 8.91 -22.80
CA THR B 364 -0.09 10.31 -22.40
C THR B 364 1.01 10.77 -21.47
N LYS B 365 1.90 9.86 -21.06
CA LYS B 365 3.08 10.27 -20.30
C LYS B 365 3.97 11.16 -21.16
N SER B 366 3.80 11.12 -22.49
CA SER B 366 4.49 12.02 -23.43
C SER B 366 4.24 13.48 -23.07
N ALA B 367 3.05 13.77 -22.55
CA ALA B 367 2.62 15.10 -22.17
C ALA B 367 2.69 15.43 -20.67
N THR B 368 2.36 14.46 -19.82
CA THR B 368 2.27 14.72 -18.36
C THR B 368 3.56 14.37 -17.62
N GLY B 369 4.41 13.56 -18.25
CA GLY B 369 5.46 12.86 -17.54
C GLY B 369 4.87 11.73 -16.74
N HIS B 370 5.72 11.06 -15.98
CA HIS B 370 5.34 9.87 -15.19
C HIS B 370 4.92 10.22 -13.79
N LEU B 371 3.64 10.10 -13.50
CA LEU B 371 3.10 10.50 -12.18
C LEU B 371 3.23 9.36 -11.15
N LEU B 372 3.93 8.31 -11.52
CA LEU B 372 4.39 7.28 -10.59
C LEU B 372 3.19 6.57 -10.00
N GLY B 373 2.99 6.63 -8.69
CA GLY B 373 1.77 6.06 -8.11
C GLY B 373 0.44 6.66 -8.50
N ALA B 374 0.47 7.86 -9.04
CA ALA B 374 -0.73 8.53 -9.50
C ALA B 374 -0.91 8.36 -11.04
N ALA B 375 0.08 7.76 -11.73
CA ALA B 375 -0.04 7.51 -13.21
C ALA B 375 -1.28 6.72 -13.59
N GLY B 376 -1.55 5.63 -12.89
CA GLY B 376 -2.70 4.78 -13.18
C GLY B 376 -4.04 5.51 -13.19
N ALA B 377 -4.27 6.40 -12.18
CA ALA B 377 -5.53 7.08 -12.02
C ALA B 377 -5.67 8.15 -13.07
N ILE B 378 -4.59 8.88 -13.38
CA ILE B 378 -4.71 9.93 -14.39
C ILE B 378 -4.97 9.32 -15.78
N GLU B 379 -4.33 8.19 -16.05
CA GLU B 379 -4.46 7.52 -17.34
C GLU B 379 -5.77 6.81 -17.48
N ALA B 380 -6.30 6.34 -16.35
CA ALA B 380 -7.67 5.89 -16.31
C ALA B 380 -8.64 7.01 -16.69
N ALA B 381 -8.47 8.19 -16.07
CA ALA B 381 -9.30 9.34 -16.36
C ALA B 381 -9.20 9.68 -17.84
N PHE B 382 -8.00 9.71 -18.41
CA PHE B 382 -7.89 10.02 -19.83
C PHE B 382 -8.57 8.97 -20.70
N SER B 383 -8.52 7.70 -20.29
CA SER B 383 -9.15 6.63 -21.08
C SER B 383 -10.66 6.79 -21.03
N ILE B 384 -11.17 7.16 -19.87
CA ILE B 384 -12.61 7.41 -19.69
C ILE B 384 -13.08 8.59 -20.53
N LEU B 385 -12.30 9.69 -20.48
CA LEU B 385 -12.65 10.88 -21.28
C LEU B 385 -12.59 10.63 -22.79
N ALA B 386 -11.64 9.80 -23.21
CA ALA B 386 -11.52 9.35 -24.58
C ALA B 386 -12.80 8.70 -25.07
N LEU B 387 -13.33 7.77 -24.26
CA LEU B 387 -14.59 7.12 -24.54
C LEU B 387 -15.75 8.11 -24.56
N ARG B 388 -15.83 8.98 -23.56
CA ARG B 388 -16.90 9.99 -23.48
C ARG B 388 -16.96 10.86 -24.73
N ASP B 389 -15.81 11.39 -25.15
CA ASP B 389 -15.78 12.40 -26.20
C ASP B 389 -15.45 11.88 -27.60
N GLY B 390 -14.97 10.65 -27.70
CA GLY B 390 -14.53 10.10 -28.97
C GLY B 390 -13.31 10.81 -29.53
N VAL B 391 -12.34 11.04 -28.66
CA VAL B 391 -11.07 11.67 -29.00
C VAL B 391 -9.99 10.88 -28.27
N LEU B 392 -9.06 10.30 -29.03
CA LEU B 392 -7.96 9.52 -28.49
C LEU B 392 -6.69 10.39 -28.44
N PRO B 393 -6.11 10.56 -27.25
CA PRO B 393 -4.89 11.37 -27.15
C PRO B 393 -3.78 10.83 -28.02
N GLY B 394 -2.98 11.75 -28.55
CA GLY B 394 -1.77 11.39 -29.29
C GLY B 394 -0.61 11.09 -28.35
N THR B 395 0.47 10.61 -28.92
CA THR B 395 1.73 10.48 -28.26
C THR B 395 2.61 11.60 -28.78
N LEU B 396 2.83 12.61 -27.94
CA LEU B 396 3.75 13.66 -28.30
C LEU B 396 5.15 13.09 -28.50
N ASN B 397 5.92 13.78 -29.36
CA ASN B 397 7.28 13.42 -29.60
C ASN B 397 7.49 12.13 -30.42
N LEU B 398 6.44 11.45 -30.85
CA LEU B 398 6.59 10.18 -31.60
C LEU B 398 6.92 10.45 -33.06
N GLU B 399 8.21 10.54 -33.33
CA GLU B 399 8.73 10.99 -34.62
C GLU B 399 9.29 9.88 -35.45
N HIS B 400 9.90 8.91 -34.77
CA HIS B 400 10.45 7.71 -35.39
C HIS B 400 10.09 6.53 -34.55
N PRO B 401 8.88 5.99 -34.74
CA PRO B 401 8.41 4.90 -33.90
C PRO B 401 9.36 3.73 -33.92
N ASP B 402 9.59 3.10 -32.77
CA ASP B 402 10.42 1.93 -32.68
C ASP B 402 9.99 0.85 -33.73
N PRO B 403 10.91 0.31 -34.54
CA PRO B 403 10.51 -0.68 -35.55
CA PRO B 403 10.47 -0.66 -35.53
C PRO B 403 9.83 -1.92 -34.98
N ALA B 404 10.15 -2.27 -33.72
CA ALA B 404 9.50 -3.40 -33.04
C ALA B 404 8.00 -3.22 -33.00
N ALA B 405 7.54 -1.96 -33.05
CA ALA B 405 6.12 -1.61 -33.04
C ALA B 405 5.44 -1.65 -34.42
N ASP B 406 6.18 -2.03 -35.46
CA ASP B 406 5.60 -2.12 -36.79
C ASP B 406 4.42 -3.11 -36.71
N GLY B 407 3.29 -2.68 -37.23
CA GLY B 407 2.11 -3.50 -37.16
C GLY B 407 1.15 -3.03 -36.08
N LEU B 408 1.63 -2.26 -35.09
CA LEU B 408 0.77 -1.67 -34.08
C LEU B 408 0.35 -0.27 -34.49
N ASP B 409 -0.90 0.09 -34.21
CA ASP B 409 -1.44 1.39 -34.56
C ASP B 409 -1.13 2.42 -33.49
N LEU B 410 0.11 2.87 -33.48
CA LEU B 410 0.52 3.89 -32.53
C LEU B 410 0.02 5.24 -33.02
N ILE B 411 -0.64 5.96 -32.13
CA ILE B 411 -1.13 7.29 -32.46
C ILE B 411 0.03 8.26 -32.32
N GLY B 412 0.23 9.06 -33.35
CA GLY B 412 1.30 10.06 -33.35
C GLY B 412 0.82 11.29 -32.57
N PRO B 413 1.49 12.44 -32.76
CA PRO B 413 1.19 13.56 -31.92
C PRO B 413 -0.24 14.09 -32.02
N ALA B 414 -0.92 13.89 -33.13
CA ALA B 414 -2.27 14.44 -33.27
C ALA B 414 -3.28 13.52 -32.62
N ALA B 415 -4.15 14.10 -31.79
CA ALA B 415 -5.25 13.37 -31.18
C ALA B 415 -6.14 12.86 -32.31
N ARG B 416 -6.72 11.68 -32.14
CA ARG B 416 -7.53 11.11 -33.19
C ARG B 416 -9.02 11.23 -32.82
N HIS B 417 -9.80 11.86 -33.69
CA HIS B 417 -11.20 12.05 -33.45
C HIS B 417 -11.99 10.92 -34.09
N VAL B 418 -12.44 9.98 -33.27
CA VAL B 418 -13.13 8.80 -33.76
C VAL B 418 -14.02 8.26 -32.60
N PRO B 419 -15.25 7.81 -32.92
CA PRO B 419 -16.11 7.24 -31.87
C PRO B 419 -15.53 5.91 -31.42
N VAL B 420 -15.50 5.68 -30.12
CA VAL B 420 -14.89 4.46 -29.56
C VAL B 420 -15.78 3.91 -28.44
N GLU B 421 -15.70 2.61 -28.17
CA GLU B 421 -16.55 1.98 -27.18
C GLU B 421 -15.79 1.31 -26.02
N ILE B 422 -14.58 0.83 -26.28
CA ILE B 422 -13.80 0.06 -25.27
C ILE B 422 -12.37 0.55 -25.21
N ALA B 423 -11.89 0.83 -24.00
CA ALA B 423 -10.54 1.33 -23.77
C ALA B 423 -9.86 0.54 -22.67
N LEU B 424 -8.58 0.20 -22.89
CA LEU B 424 -7.74 -0.47 -21.90
C LEU B 424 -6.62 0.47 -21.44
N SER B 425 -6.28 0.39 -20.15
CA SER B 425 -5.20 1.21 -19.61
C SER B 425 -4.29 0.36 -18.75
N ASN B 426 -2.97 0.46 -18.98
CA ASN B 426 -1.98 -0.36 -18.28
C ASN B 426 -1.13 0.46 -17.30
N GLY B 427 -0.65 -0.21 -16.26
CA GLY B 427 0.29 0.37 -15.32
C GLY B 427 1.19 -0.74 -14.79
N PHE B 428 2.49 -0.50 -14.83
CA PHE B 428 3.47 -1.44 -14.40
C PHE B 428 4.40 -0.79 -13.38
N GLY B 429 5.13 -1.58 -12.62
CA GLY B 429 6.02 -0.96 -11.63
C GLY B 429 7.16 -1.84 -11.24
N PHE B 430 8.19 -1.25 -10.60
CA PHE B 430 9.28 -2.01 -10.04
C PHE B 430 8.73 -3.09 -9.12
N GLY B 431 9.51 -4.15 -8.97
CA GLY B 431 9.06 -5.33 -8.26
C GLY B 431 8.18 -6.27 -9.09
N GLY B 432 8.14 -6.05 -10.40
CA GLY B 432 7.45 -6.90 -11.33
C GLY B 432 5.94 -6.76 -11.35
N VAL B 433 5.40 -5.63 -10.90
CA VAL B 433 3.94 -5.44 -10.77
CA VAL B 433 3.94 -5.50 -10.78
C VAL B 433 3.34 -5.05 -12.11
N ASN B 434 2.29 -5.75 -12.54
CA ASN B 434 1.55 -5.39 -13.75
C ASN B 434 0.09 -5.26 -13.44
N ALA B 435 -0.57 -4.23 -13.96
CA ALA B 435 -2.01 -4.12 -13.79
C ALA B 435 -2.64 -3.47 -15.01
N SER B 436 -3.86 -3.89 -15.31
CA SER B 436 -4.63 -3.45 -16.46
C SER B 436 -6.09 -3.27 -16.06
N VAL B 437 -6.69 -2.20 -16.57
CA VAL B 437 -8.09 -1.92 -16.31
C VAL B 437 -8.79 -1.57 -17.63
N LEU B 438 -10.01 -2.08 -17.74
CA LEU B 438 -10.77 -2.05 -18.99
C LEU B 438 -12.11 -1.36 -18.79
N PHE B 439 -12.40 -0.41 -19.68
CA PHE B 439 -13.59 0.44 -19.61
C PHE B 439 -14.46 0.29 -20.83
N ARG B 440 -15.77 0.45 -20.65
CA ARG B 440 -16.72 0.55 -21.77
C ARG B 440 -17.47 1.89 -21.67
N ARG B 441 -17.70 2.52 -22.81
CA ARG B 441 -18.44 3.73 -22.87
C ARG B 441 -19.84 3.52 -22.30
N TYR B 442 -20.37 4.56 -21.67
CA TYR B 442 -21.73 4.54 -21.17
C TYR B 442 -22.55 5.56 -21.93
N PRO B 443 -23.74 5.21 -22.40
CA PRO B 443 -24.52 3.98 -22.36
C PRO B 443 -24.00 2.90 -23.30
N UNK C 1 24.22 2.03 0.45
CA UNK C 1 23.48 2.81 -0.62
C UNK C 1 24.38 3.82 -1.36
N UNK C 2 25.71 3.64 -1.26
CA UNK C 2 26.67 4.40 -2.09
C UNK C 2 27.19 3.40 -3.12
N UNK C 3 27.32 3.80 -4.39
CA UNK C 3 27.75 2.84 -5.42
C UNK C 3 27.81 3.41 -6.80
C1 N32 D . -1.99 12.66 19.70
O19 N32 D . -2.37 8.18 23.80
O20 N32 D . -3.12 5.57 20.42
N28 N32 D . -3.17 6.74 18.45
C11 N32 D . -3.16 6.64 19.78
C2 N32 D . -3.16 7.98 20.49
C3 N32 D . -1.77 8.28 21.01
C4 N32 D . -1.66 9.53 21.92
C5 N32 D . -2.20 9.31 23.31
C6 N32 D . -2.53 10.47 24.15
C7 N32 D . -2.60 11.70 23.62
C8 N32 D . -2.34 12.01 22.17
C9 N32 D . -2.34 10.76 21.27
C10 N32 D . -1.83 11.14 19.88
C14 N32 D . -3.52 12.87 21.73
C15 N32 D . -3.34 13.02 20.23
C17 N32 D . -4.35 13.34 19.47
C18 N32 D . -0.16 9.74 22.24
C28 N32 D . -1.07 12.86 22.00
C29 N32 D . -0.91 13.30 20.55
O30 N32 D . -5.24 6.10 16.70
O31 N32 D . -0.96 5.03 18.60
O32 N32 D . 0.12 2.82 17.82
O33 N32 D . -0.87 1.58 16.39
C21 N32 D . -0.82 2.62 17.04
C22 N32 D . -1.96 3.58 16.98
C23 N32 D . -1.99 4.73 17.75
C24 N32 D . -3.10 5.58 17.70
C25 N32 D . -4.19 5.26 16.79
C26 N32 D . -4.10 4.11 16.02
C27 N32 D . -3.01 3.28 16.15
C1 EDO E . -13.13 -6.82 -9.70
O1 EDO E . -11.83 -6.13 -9.65
C2 EDO E . -12.99 -8.25 -9.18
O2 EDO E . -11.61 -8.51 -8.99
C1 N32 F . 17.83 -1.52 -15.09
O19 N32 F . 14.95 0.87 -19.87
O20 N32 F . 11.45 0.39 -17.78
N28 N32 F . 11.77 -0.65 -15.77
C11 N32 F . 12.14 -0.26 -16.99
C2 N32 F . 13.56 -0.58 -17.42
C3 N32 F . 14.42 0.64 -17.16
C4 N32 F . 15.87 0.55 -17.66
C5 N32 F . 15.90 0.47 -19.16
C6 N32 F . 17.08 -0.10 -19.79
C7 N32 F . 17.99 -0.80 -19.11
C8 N32 F . 17.94 -1.03 -17.62
C9 N32 F . 16.54 -0.71 -17.06
C10 N32 F . 16.62 -0.71 -15.53
C14 N32 F . 18.11 -2.54 -17.39
C15 N32 F . 17.84 -2.77 -15.94
C17 N32 F . 17.58 -3.96 -15.44
C18 N32 F . 16.59 1.87 -17.36
C28 N32 F . 19.04 -0.29 -16.90
C29 N32 F . 19.06 -0.72 -15.43
O30 N32 F . 9.98 -2.72 -14.98
O31 N32 F . 10.79 1.99 -15.46
O32 N32 F . 8.87 3.61 -14.99
O33 N32 F . 6.96 2.83 -14.34
C21 N32 F . 8.15 2.65 -14.66
C22 N32 F . 8.67 1.22 -14.76
C23 N32 F . 9.97 0.94 -15.16
C24 N32 F . 10.45 -0.36 -15.32
C25 N32 F . 9.54 -1.46 -14.94
C26 N32 F . 8.23 -1.17 -14.49
C27 N32 F . 7.83 0.16 -14.41
C1 EDO G . -15.07 -11.92 1.68
O1 EDO G . -13.79 -12.31 2.19
C2 EDO G . -14.98 -10.43 1.35
O2 EDO G . -13.75 -9.92 1.91
#